data_8Z8Z
#
_entry.id   8Z8Z
#
_cell.length_a   1.00
_cell.length_b   1.00
_cell.length_c   1.00
_cell.angle_alpha   90.00
_cell.angle_beta   90.00
_cell.angle_gamma   90.00
#
_symmetry.space_group_name_H-M   'P 1'
#
loop_
_entity.id
_entity.type
_entity.pdbx_description
1 polymer 'Lysosomal cholesterol signaling protein,Fluorescent Protein'
2 non-polymer 2-acetamido-2-deoxy-beta-D-glucopyranose
3 non-polymer '[(2~{R})-1-[2-azanylethoxy(oxidanyl)phosphoryl]oxy-3-hexadecanoyloxy-propan-2-yl] (~{Z})-octadec-9-enoate'
4 non-polymer CHOLESTEROL
5 non-polymer '[(2~{R})-1-[2-azanylethoxy(oxidanyl)phosphoryl]oxy-3-hexadecanoyloxy-propan-2-yl] (4~{Z},7~{Z},10~{Z},13~{Z},16~{Z},19~{Z})-docosa-4,7,10,13,16,19-hexaenoate'
6 non-polymer 1-palmitoyl-2-oleoyl-sn-glycero-3-phosphocholine
7 non-polymer 'SODIUM ION'
8 water water
#
_entity_poly.entity_id   1
_entity_poly.type   'polypeptide(L)'
_entity_poly.pdbx_seq_one_letter_code
;MGSMNSNLPAENLTIAVNMTKTLPTAVTHGFNSTNDPPSMSITRLFPALLECFGIVLCGYIAGRANVITSTQAKGLGNFV
SRFALPALLFKNMVVLNFSNVDWSFLYSILIAKASVFFIVCVLTLLVASPDSRFSKAGLFPIFATQSNDFALGYPIVEAL
YQTTYPEYLQYIYLVAPISLMMLNPIGFIFCEIQKWKDTQNASQNKIKIVGLGLLRVLQNPIVFMVFIGIAFNFILDRKV
PVYVENFLDGLGNSFSGSALFYLGLTMVGKIKRLKKSAFVVLILLITAKLLVLPLLCREMVELLDKGDSVVNHTSLSNYA
FLYGVFPVAPGVAIFATQFNMEVEIITSGMVISTFVSAPIMYVSAWLLTFPTMDPKPLAYAIQNVSFDISIVSLISLIWS
LAILLLSKKYKQLPHMLTTNLLIAQSIVCAGMMIWNFVKEKNFVGQILVFVLLYSSLYSTYLWTGLLAISLFLLKKRERV
QIPVGIIIISGWGIPALLVGVLLITGKHNGDSIDSAFFYGKEQMITTAVTLFCSILIAGISLMCMNQTAQAGSYEGFDQS
QSHKVVEPGNTAFEESPAPVNEPELFTSSIPETSCCSCSMGNGELHCPSIEPIANTSTSEPVIPSFEKNNHCVSRCNSQS
CILAQEEEQYLQSGDQQLTRHVLLCLLLIIGLFANLSSCLWWLFNQEPGRLYVELQFFCAVFNFGQGFISFGIFGLDKHL
IILPFKRRLEFLWNNKDTAENRDSPVSEEIKMTCQQFIHYHRDLCIRNIVKERRCGAKTSAGTFCGCDLVSWLIEVGLAS
DRGEAVIYGDRLVQGGVIQHITNEYEFRDEYLFYRFLQKSPEQSPPAINANTLQQERYKEIEHSSPPSHSPKTGTLEVLF
QGPGGSGGSASVIKPEMKIKLRMEGAVNGHKFVIEGEGIGKPYEGTQTLDLTVEEGAPLPFSYDILTPAFQYGNRAFTKY
PEDIPDYFKQAFPEGYSWERSMTYEDQGICIATSDITMEGDCFFYEIRFDGTNFPPNGPVMQKKTLKWEPSTEKMYVEDG
VLKGDVEMALLLEGGGHYRCDFKTTYKAKKDVRLPDAHEVDHRIEILSHDKDYNKVRLYEHAEARYSGGGSGGGSAWSHP
QFEKGGGSGGGSGGSAWSHPQFEK
;
_entity_poly.pdbx_strand_id   A,B
#
# COMPACT_ATOMS: atom_id res chain seq x y z
N PRO A 38 19.29 4.67 25.61
CA PRO A 38 20.36 3.68 25.47
C PRO A 38 20.52 3.15 24.05
N SER A 39 20.36 1.84 23.87
CA SER A 39 20.56 1.22 22.54
C SER A 39 19.22 0.92 21.86
N MET A 40 18.19 0.63 22.65
CA MET A 40 16.86 0.27 22.08
C MET A 40 15.84 1.34 22.47
N SER A 41 15.09 1.86 21.49
CA SER A 41 14.03 2.87 21.78
C SER A 41 12.73 2.15 22.16
N ILE A 42 12.68 1.57 23.37
CA ILE A 42 11.48 0.80 23.80
C ILE A 42 10.26 1.73 23.78
N THR A 43 10.44 3.00 24.15
CA THR A 43 9.32 3.98 24.12
C THR A 43 8.65 3.92 22.75
N ARG A 44 9.43 3.84 21.67
CA ARG A 44 8.85 3.85 20.29
C ARG A 44 8.30 2.47 19.92
N LEU A 45 8.46 1.46 20.79
CA LEU A 45 8.02 0.09 20.44
C LEU A 45 6.50 -0.03 20.49
N PHE A 46 5.86 0.53 21.52
CA PHE A 46 4.38 0.36 21.68
C PHE A 46 3.63 0.93 20.46
N PRO A 47 3.91 2.17 20.00
CA PRO A 47 3.24 2.72 18.83
C PRO A 47 3.50 1.86 17.58
N ALA A 48 4.73 1.34 17.43
CA ALA A 48 5.04 0.46 16.29
C ALA A 48 4.16 -0.79 16.33
N LEU A 49 4.02 -1.40 17.51
CA LEU A 49 3.14 -2.59 17.67
C LEU A 49 1.70 -2.18 17.36
N LEU A 50 1.28 -1.01 17.86
CA LEU A 50 -0.10 -0.51 17.58
C LEU A 50 -0.30 -0.44 16.07
N GLU A 51 0.69 0.09 15.33
CA GLU A 51 0.59 0.14 13.89
C GLU A 51 0.47 -1.25 13.29
N CYS A 52 1.42 -2.12 13.61
CA CYS A 52 1.47 -3.45 13.02
C CYS A 52 0.21 -4.24 13.29
N PHE A 53 -0.23 -4.28 14.54
CA PHE A 53 -1.37 -5.10 14.87
C PHE A 53 -2.70 -4.39 14.73
N GLY A 54 -2.72 -3.06 14.74
CA GLY A 54 -3.89 -2.33 14.32
C GLY A 54 -4.27 -2.56 12.88
N ILE A 55 -3.30 -2.51 11.96
CA ILE A 55 -3.62 -2.77 10.56
C ILE A 55 -4.03 -4.22 10.36
N VAL A 56 -3.40 -5.15 11.08
CA VAL A 56 -3.81 -6.55 11.01
C VAL A 56 -5.25 -6.71 11.46
N LEU A 57 -5.64 -6.00 12.53
CA LEU A 57 -6.99 -6.07 13.06
C LEU A 57 -8.00 -5.40 12.12
N CYS A 58 -7.62 -4.31 11.49
CA CYS A 58 -8.44 -3.73 10.44
C CYS A 58 -8.73 -4.75 9.35
N GLY A 59 -7.72 -5.49 8.90
CA GLY A 59 -7.96 -6.51 7.90
C GLY A 59 -8.85 -7.63 8.39
N TYR A 60 -8.64 -8.04 9.65
CA TYR A 60 -9.48 -9.10 10.25
C TYR A 60 -10.93 -8.63 10.30
N ILE A 61 -11.17 -7.42 10.82
CA ILE A 61 -12.51 -6.87 10.87
C ILE A 61 -13.12 -6.78 9.48
N ALA A 62 -12.37 -6.29 8.51
CA ALA A 62 -12.90 -6.20 7.15
C ALA A 62 -13.31 -7.57 6.64
N GLY A 63 -12.57 -8.61 6.99
CA GLY A 63 -12.91 -9.93 6.53
C GLY A 63 -14.07 -10.56 7.27
N ARG A 64 -14.23 -10.21 8.55
CA ARG A 64 -15.35 -10.75 9.37
C ARG A 64 -16.63 -9.97 9.03
N ALA A 65 -16.51 -8.65 8.85
CA ALA A 65 -17.68 -7.81 8.49
C ALA A 65 -18.09 -8.11 7.06
N ASN A 66 -17.25 -8.83 6.30
CA ASN A 66 -17.56 -9.21 4.90
C ASN A 66 -17.35 -8.01 3.98
N VAL A 67 -16.65 -6.97 4.46
CA VAL A 67 -16.33 -5.80 3.59
C VAL A 67 -15.50 -6.35 2.41
N ILE A 68 -14.57 -7.26 2.68
CA ILE A 68 -13.78 -7.91 1.60
C ILE A 68 -13.96 -9.43 1.73
N THR A 69 -14.49 -10.07 0.68
CA THR A 69 -14.76 -11.54 0.76
C THR A 69 -13.45 -12.32 0.57
N SER A 70 -13.51 -13.65 0.72
CA SER A 70 -12.33 -14.48 0.59
C SER A 70 -11.80 -14.50 -0.84
N THR A 71 -12.70 -14.50 -1.82
CA THR A 71 -12.24 -14.37 -3.19
C THR A 71 -11.72 -12.98 -3.50
N GLN A 72 -12.24 -11.94 -2.85
CA GLN A 72 -11.73 -10.62 -3.12
C GLN A 72 -10.41 -10.38 -2.44
N ALA A 73 -10.11 -11.08 -1.36
CA ALA A 73 -8.86 -10.85 -0.67
C ALA A 73 -7.68 -11.31 -1.50
N LYS A 74 -7.94 -12.20 -2.46
CA LYS A 74 -6.86 -12.72 -3.33
C LYS A 74 -6.19 -11.56 -4.09
N GLY A 75 -6.97 -10.58 -4.55
CA GLY A 75 -6.40 -9.46 -5.31
C GLY A 75 -5.35 -8.72 -4.52
N LEU A 76 -5.67 -8.38 -3.26
CA LEU A 76 -4.69 -7.68 -2.39
C LEU A 76 -3.44 -8.55 -2.22
N GLY A 77 -3.65 -9.86 -1.98
CA GLY A 77 -2.51 -10.77 -1.81
C GLY A 77 -1.62 -10.81 -3.04
N ASN A 78 -2.22 -10.91 -4.23
CA ASN A 78 -1.43 -10.97 -5.49
C ASN A 78 -0.62 -9.68 -5.64
N PHE A 79 -1.25 -8.52 -5.41
CA PHE A 79 -0.56 -7.22 -5.57
C PHE A 79 0.63 -7.16 -4.61
N VAL A 80 0.42 -7.58 -3.36
CA VAL A 80 1.49 -7.49 -2.33
C VAL A 80 2.60 -8.51 -2.64
N SER A 81 2.23 -9.70 -3.09
CA SER A 81 3.24 -10.78 -3.31
C SER A 81 3.97 -10.64 -4.65
N ARG A 82 3.28 -10.20 -5.70
CA ARG A 82 3.91 -10.17 -7.05
C ARG A 82 4.38 -8.77 -7.44
N PHE A 83 4.11 -7.76 -6.60
CA PHE A 83 4.46 -6.37 -6.99
C PHE A 83 5.08 -5.62 -5.81
N ALA A 84 4.30 -5.40 -4.74
CA ALA A 84 4.80 -4.60 -3.60
C ALA A 84 6.04 -5.28 -2.99
N LEU A 85 6.01 -6.60 -2.80
CA LEU A 85 7.14 -7.31 -2.14
C LEU A 85 8.37 -7.29 -3.06
N PRO A 86 8.31 -7.83 -4.30
CA PRO A 86 9.45 -7.79 -5.23
C PRO A 86 10.10 -6.45 -5.34
N ALA A 87 9.34 -5.38 -5.46
CA ALA A 87 9.91 -4.05 -5.54
C ALA A 87 10.69 -3.69 -4.30
N LEU A 88 10.13 -3.97 -3.14
CA LEU A 88 10.81 -3.67 -1.88
C LEU A 88 12.12 -4.43 -1.75
N LEU A 89 12.09 -5.72 -2.00
CA LEU A 89 13.29 -6.55 -1.93
C LEU A 89 14.34 -6.11 -2.93
N PHE A 90 13.96 -5.92 -4.19
CA PHE A 90 14.88 -5.43 -5.19
C PHE A 90 15.55 -4.16 -4.75
N LYS A 91 14.77 -3.15 -4.39
CA LYS A 91 15.33 -1.88 -3.99
C LYS A 91 16.28 -2.00 -2.83
N ASN A 92 15.94 -2.84 -1.85
CA ASN A 92 16.79 -2.89 -0.67
C ASN A 92 18.05 -3.69 -0.92
N MET A 93 18.00 -4.67 -1.81
CA MET A 93 19.19 -5.43 -2.14
C MET A 93 20.14 -4.61 -2.98
N VAL A 94 19.62 -3.78 -3.88
CA VAL A 94 20.44 -2.99 -4.77
C VAL A 94 21.30 -1.99 -4.01
N VAL A 95 20.75 -1.44 -2.93
CA VAL A 95 21.49 -0.37 -2.18
C VAL A 95 22.36 -1.00 -1.09
N LEU A 96 22.11 -2.25 -0.73
CA LEU A 96 22.86 -2.90 0.38
C LEU A 96 24.36 -2.82 0.10
N ASN A 97 25.13 -2.21 1.00
CA ASN A 97 26.59 -2.04 0.78
C ASN A 97 27.26 -3.41 0.66
N PHE A 98 26.91 -4.35 1.54
CA PHE A 98 27.47 -5.73 1.50
C PHE A 98 28.94 -5.69 1.92
N SER A 99 29.47 -4.50 2.23
CA SER A 99 30.88 -4.36 2.67
C SER A 99 30.91 -3.87 4.13
N ASN A 100 29.74 -3.64 4.72
CA ASN A 100 29.66 -3.20 6.14
C ASN A 100 28.65 -4.07 6.87
N VAL A 101 28.48 -5.33 6.41
CA VAL A 101 27.47 -6.25 7.02
C VAL A 101 28.17 -7.16 8.04
N ASP A 102 27.67 -7.20 9.27
CA ASP A 102 28.22 -8.11 10.30
C ASP A 102 27.76 -9.53 9.98
N TRP A 103 28.50 -10.22 9.11
CA TRP A 103 28.13 -11.61 8.71
C TRP A 103 28.12 -12.51 9.95
N SER A 104 28.96 -12.19 10.95
CA SER A 104 28.98 -12.99 12.20
C SER A 104 27.60 -12.97 12.85
N PHE A 105 26.96 -11.79 12.91
CA PHE A 105 25.61 -11.70 13.49
C PHE A 105 24.64 -12.54 12.63
N LEU A 106 24.75 -12.40 11.30
CA LEU A 106 23.90 -13.20 10.39
C LEU A 106 24.22 -14.68 10.59
N TYR A 107 25.51 -15.04 10.64
CA TYR A 107 25.90 -16.42 10.87
C TYR A 107 25.25 -16.98 12.10
N SER A 108 25.15 -16.18 13.13
CA SER A 108 24.63 -16.68 14.38
C SER A 108 23.12 -16.81 14.35
N ILE A 109 22.42 -15.97 13.59
CA ILE A 109 20.99 -16.20 13.41
C ILE A 109 20.74 -17.43 12.55
N LEU A 110 21.51 -17.60 11.49
CA LEU A 110 21.32 -18.75 10.64
C LEU A 110 21.65 -20.04 11.37
N ILE A 111 22.63 -20.00 12.26
CA ILE A 111 22.96 -21.15 13.07
C ILE A 111 21.86 -21.48 14.05
N ALA A 112 21.30 -20.48 14.73
CA ALA A 112 20.19 -20.75 15.62
C ALA A 112 19.00 -21.37 14.88
N LYS A 113 18.71 -20.90 13.67
CA LYS A 113 17.57 -21.46 12.95
C LYS A 113 17.87 -22.86 12.44
N ALA A 114 19.09 -23.10 11.99
CA ALA A 114 19.51 -24.45 11.66
C ALA A 114 19.31 -25.38 12.84
N SER A 115 19.63 -24.93 14.05
CA SER A 115 19.52 -25.76 15.25
C SER A 115 18.08 -26.07 15.58
N VAL A 116 17.22 -25.07 15.53
CA VAL A 116 15.80 -25.32 15.80
C VAL A 116 15.20 -26.21 14.72
N PHE A 117 15.55 -25.98 13.45
CA PHE A 117 15.07 -26.82 12.36
C PHE A 117 15.46 -28.27 12.59
N PHE A 118 16.70 -28.50 12.99
CA PHE A 118 17.17 -29.87 13.17
C PHE A 118 16.46 -30.53 14.33
N ILE A 119 16.34 -29.82 15.45
CA ILE A 119 15.67 -30.39 16.65
C ILE A 119 14.23 -30.77 16.29
N VAL A 120 13.43 -29.82 15.80
CA VAL A 120 12.00 -30.08 15.50
C VAL A 120 11.89 -31.23 14.49
N CYS A 121 12.63 -31.17 13.40
CA CYS A 121 12.52 -32.21 12.33
C CYS A 121 12.80 -33.59 12.92
N VAL A 122 13.89 -33.72 13.68
CA VAL A 122 14.27 -35.04 14.27
C VAL A 122 13.16 -35.51 15.21
N LEU A 123 12.67 -34.63 16.08
CA LEU A 123 11.64 -35.02 17.07
C LEU A 123 10.38 -35.48 16.32
N THR A 124 10.01 -34.77 15.26
CA THR A 124 8.80 -35.14 14.46
C THR A 124 9.01 -36.52 13.84
N LEU A 125 10.20 -36.76 13.28
CA LEU A 125 10.49 -38.06 12.61
C LEU A 125 10.58 -39.17 13.66
N LEU A 126 10.65 -38.81 14.94
CA LEU A 126 10.83 -39.83 16.00
C LEU A 126 9.49 -40.18 16.65
N VAL A 127 8.51 -39.28 16.59
CA VAL A 127 7.24 -39.53 17.28
C VAL A 127 6.02 -39.54 16.35
N ALA A 128 6.18 -38.98 15.16
CA ALA A 128 5.04 -38.93 14.20
C ALA A 128 4.80 -40.32 13.60
N SER A 129 3.54 -40.73 13.44
CA SER A 129 3.21 -42.02 12.79
C SER A 129 3.84 -42.04 11.39
N PRO A 130 4.31 -43.19 10.88
CA PRO A 130 4.99 -43.23 9.58
C PRO A 130 4.19 -42.58 8.44
N ASP A 131 2.86 -42.69 8.48
CA ASP A 131 2.01 -42.17 7.38
C ASP A 131 2.25 -40.68 7.16
N SER A 132 2.25 -39.88 8.23
CA SER A 132 2.39 -38.41 8.09
C SER A 132 3.77 -37.95 8.57
N ARG A 133 4.68 -38.90 8.82
CA ARG A 133 6.02 -38.54 9.37
C ARG A 133 6.74 -37.58 8.41
N PHE A 134 6.78 -37.90 7.12
CA PHE A 134 7.52 -37.06 6.14
C PHE A 134 6.87 -35.67 6.03
N SER A 135 5.54 -35.63 5.93
CA SER A 135 4.81 -34.34 5.80
C SER A 135 5.05 -33.48 7.03
N LYS A 136 5.03 -34.09 8.22
CA LYS A 136 5.19 -33.34 9.46
C LYS A 136 6.64 -32.95 9.66
N ALA A 137 7.57 -33.86 9.40
CA ALA A 137 8.98 -33.53 9.43
C ALA A 137 9.37 -32.51 8.39
N GLY A 138 8.64 -32.40 7.30
CA GLY A 138 8.89 -31.36 6.36
C GLY A 138 8.37 -30.00 6.73
N LEU A 139 7.09 -29.93 7.13
CA LEU A 139 6.47 -28.61 7.37
C LEU A 139 6.77 -28.12 8.80
N PHE A 140 6.71 -29.02 9.79
CA PHE A 140 6.90 -28.59 11.20
C PHE A 140 8.11 -27.66 11.30
N PRO A 141 9.34 -28.08 10.93
CA PRO A 141 10.53 -27.24 11.14
C PRO A 141 10.55 -26.00 10.28
N ILE A 142 9.86 -26.00 9.16
CA ILE A 142 9.66 -24.75 8.44
C ILE A 142 8.79 -23.79 9.24
N PHE A 143 7.71 -24.30 9.83
CA PHE A 143 6.88 -23.54 10.75
C PHE A 143 7.67 -22.93 11.89
N ALA A 144 8.54 -23.71 12.52
CA ALA A 144 9.29 -23.27 13.68
C ALA A 144 10.42 -22.31 13.35
N THR A 145 10.83 -22.22 12.09
CA THR A 145 11.94 -21.30 11.83
C THR A 145 11.60 -20.10 10.93
N GLN A 146 10.67 -20.20 10.01
CA GLN A 146 10.38 -19.14 9.05
C GLN A 146 9.45 -18.11 9.67
N SER A 147 9.88 -16.86 9.73
CA SER A 147 9.17 -15.86 10.49
C SER A 147 8.74 -14.68 9.62
N ASN A 148 7.82 -13.89 10.16
CA ASN A 148 7.19 -12.79 9.44
C ASN A 148 8.07 -11.56 9.54
N ASP A 149 9.10 -11.55 8.71
CA ASP A 149 10.17 -10.57 8.79
C ASP A 149 9.87 -9.29 8.03
N PHE A 150 9.21 -9.37 6.89
CA PHE A 150 9.01 -8.18 6.10
C PHE A 150 7.79 -7.40 6.57
N ALA A 151 6.66 -8.05 6.75
CA ALA A 151 5.46 -7.37 7.17
C ALA A 151 5.49 -6.94 8.62
N LEU A 152 5.80 -7.85 9.55
CA LEU A 152 5.78 -7.46 10.95
C LEU A 152 7.15 -7.11 11.50
N GLY A 153 8.20 -7.83 11.15
CA GLY A 153 9.49 -7.60 11.77
C GLY A 153 10.05 -6.23 11.49
N TYR A 154 9.95 -5.79 10.25
CA TYR A 154 10.68 -4.61 9.82
C TYR A 154 10.18 -3.31 10.44
N PRO A 155 8.88 -3.06 10.60
CA PRO A 155 8.47 -1.86 11.35
C PRO A 155 8.92 -1.86 12.81
N ILE A 156 8.92 -3.00 13.47
CA ILE A 156 9.34 -3.05 14.85
C ILE A 156 10.82 -2.77 14.96
N VAL A 157 11.62 -3.36 14.07
CA VAL A 157 13.05 -3.10 14.07
C VAL A 157 13.31 -1.66 13.76
N GLU A 158 12.56 -1.10 12.82
CA GLU A 158 12.75 0.29 12.44
C GLU A 158 12.44 1.23 13.59
N ALA A 159 11.38 0.96 14.34
CA ALA A 159 11.07 1.77 15.50
C ALA A 159 12.13 1.65 16.57
N LEU A 160 12.55 0.44 16.90
CA LEU A 160 13.53 0.29 17.98
C LEU A 160 14.91 0.79 17.62
N TYR A 161 15.27 0.87 16.34
CA TYR A 161 16.68 0.97 15.99
C TYR A 161 17.05 2.02 14.98
N GLN A 162 16.13 2.59 14.23
CA GLN A 162 16.52 3.45 13.11
C GLN A 162 17.31 4.66 13.54
N THR A 163 17.25 5.00 14.82
CA THR A 163 18.01 6.16 15.35
C THR A 163 19.31 5.66 15.99
N THR A 164 19.23 4.57 16.77
CA THR A 164 20.43 4.06 17.49
C THR A 164 21.28 3.19 16.56
N TYR A 165 20.67 2.18 15.95
CA TYR A 165 21.43 1.24 15.08
C TYR A 165 20.68 1.00 13.77
N PRO A 166 20.70 1.95 12.81
CA PRO A 166 20.05 1.75 11.51
C PRO A 166 20.67 0.55 10.78
N GLU A 167 21.91 0.21 11.11
CA GLU A 167 22.59 -0.95 10.47
C GLU A 167 21.82 -2.23 10.77
N TYR A 168 21.06 -2.25 11.87
CA TYR A 168 20.28 -3.45 12.26
C TYR A 168 19.20 -3.73 11.22
N LEU A 169 18.64 -2.68 10.61
CA LEU A 169 17.51 -2.86 9.66
C LEU A 169 17.91 -3.73 8.48
N GLN A 170 19.07 -3.47 7.86
CA GLN A 170 19.50 -4.22 6.65
C GLN A 170 19.44 -5.73 6.88
N TYR A 171 19.62 -6.19 8.12
CA TYR A 171 19.68 -7.65 8.39
C TYR A 171 18.36 -8.32 7.98
N ILE A 172 17.23 -7.65 8.18
CA ILE A 172 15.89 -8.22 7.83
C ILE A 172 15.95 -8.77 6.41
N TYR A 173 16.57 -8.04 5.49
CA TYR A 173 16.63 -8.45 4.10
C TYR A 173 17.74 -9.43 3.82
N LEU A 174 18.62 -9.70 4.76
CA LEU A 174 19.59 -10.77 4.63
C LEU A 174 19.13 -12.06 5.27
N VAL A 175 18.70 -12.00 6.52
CA VAL A 175 18.35 -13.19 7.26
C VAL A 175 17.18 -13.92 6.61
N ALA A 176 16.10 -13.22 6.33
CA ALA A 176 14.89 -13.89 5.86
C ALA A 176 15.10 -14.65 4.55
N PRO A 177 15.62 -14.05 3.48
CA PRO A 177 15.86 -14.86 2.29
C PRO A 177 16.96 -15.90 2.44
N ILE A 178 18.06 -15.59 3.10
CA ILE A 178 19.06 -16.63 3.25
C ILE A 178 18.49 -17.85 3.97
N SER A 179 17.64 -17.63 4.97
CA SER A 179 17.03 -18.75 5.69
C SER A 179 16.07 -19.52 4.81
N LEU A 180 15.23 -18.84 4.05
CA LEU A 180 14.41 -19.51 3.06
C LEU A 180 15.22 -20.44 2.20
N MET A 181 16.30 -19.92 1.60
CA MET A 181 17.15 -20.70 0.71
C MET A 181 17.79 -21.88 1.40
N MET A 182 18.27 -21.69 2.62
CA MET A 182 19.05 -22.73 3.29
C MET A 182 18.17 -23.85 3.81
N LEU A 183 17.05 -23.51 4.42
CA LEU A 183 16.32 -24.51 5.17
C LEU A 183 15.06 -24.98 4.50
N ASN A 184 14.39 -24.15 3.70
CA ASN A 184 13.17 -24.63 3.07
C ASN A 184 13.39 -25.80 2.12
N PRO A 185 14.45 -25.88 1.32
CA PRO A 185 14.62 -27.06 0.47
C PRO A 185 14.59 -28.37 1.20
N ILE A 186 15.17 -28.44 2.39
CA ILE A 186 15.15 -29.67 3.18
C ILE A 186 13.73 -30.05 3.53
N GLY A 187 12.93 -29.09 3.97
CA GLY A 187 11.56 -29.40 4.30
C GLY A 187 10.74 -29.78 3.09
N PHE A 188 10.86 -29.04 2.01
CA PHE A 188 10.15 -29.42 0.80
C PHE A 188 10.60 -30.78 0.31
N ILE A 189 11.83 -31.18 0.61
CA ILE A 189 12.28 -32.49 0.21
C ILE A 189 11.55 -33.57 0.99
N PHE A 190 11.37 -33.35 2.29
CA PHE A 190 10.56 -34.29 3.06
C PHE A 190 9.13 -34.35 2.57
N CYS A 191 8.56 -33.20 2.19
CA CYS A 191 7.18 -33.20 1.70
C CYS A 191 7.04 -33.93 0.36
N GLU A 192 8.00 -33.75 -0.54
CA GLU A 192 8.02 -34.53 -1.78
C GLU A 192 8.24 -36.00 -1.52
N ILE A 193 9.13 -36.34 -0.60
CA ILE A 193 9.30 -37.72 -0.18
C ILE A 193 7.99 -38.31 0.27
N GLN A 194 7.16 -37.53 0.96
CA GLN A 194 5.86 -38.01 1.39
C GLN A 194 4.91 -38.19 0.23
N LYS A 195 4.78 -37.15 -0.60
CA LYS A 195 3.91 -37.23 -1.80
C LYS A 195 4.17 -38.56 -2.52
N TRP A 196 5.45 -38.94 -2.64
CA TRP A 196 5.81 -40.20 -3.33
C TRP A 196 5.14 -41.38 -2.63
N LYS A 197 5.18 -41.41 -1.30
CA LYS A 197 4.53 -42.50 -0.52
C LYS A 197 3.03 -42.47 -0.80
N ASP A 198 2.43 -41.28 -0.82
CA ASP A 198 0.97 -41.15 -1.08
C ASP A 198 0.69 -41.70 -2.48
N THR A 199 1.49 -41.32 -3.47
CA THR A 199 1.32 -41.84 -4.85
C THR A 199 1.70 -43.34 -4.88
N GLN A 200 2.51 -43.77 -3.92
CA GLN A 200 2.98 -45.19 -3.89
C GLN A 200 3.62 -45.52 -5.25
N ASN A 201 4.23 -44.52 -5.89
CA ASN A 201 4.91 -44.74 -7.20
C ASN A 201 5.98 -45.82 -7.03
N ALA A 202 5.86 -46.92 -7.79
CA ALA A 202 6.85 -48.02 -7.71
C ALA A 202 8.24 -47.48 -8.09
N SER A 203 8.29 -46.57 -9.06
CA SER A 203 9.59 -46.00 -9.51
C SER A 203 10.22 -45.16 -8.39
N GLN A 204 11.50 -44.84 -8.50
CA GLN A 204 12.18 -44.00 -7.48
C GLN A 204 12.94 -42.87 -8.20
N ASN A 205 12.79 -41.63 -7.74
CA ASN A 205 13.46 -40.48 -8.38
C ASN A 205 14.09 -39.60 -7.29
N LYS A 206 15.11 -40.13 -6.59
CA LYS A 206 15.73 -39.38 -5.46
C LYS A 206 16.22 -38.01 -5.98
N ILE A 207 16.97 -38.01 -7.08
CA ILE A 207 17.47 -36.73 -7.68
C ILE A 207 16.27 -35.86 -8.02
N LYS A 208 15.28 -36.42 -8.73
CA LYS A 208 14.09 -35.67 -9.11
C LYS A 208 13.39 -35.11 -7.89
N ILE A 209 13.29 -35.90 -6.82
CA ILE A 209 12.70 -35.40 -5.57
C ILE A 209 13.48 -34.18 -5.08
N VAL A 210 14.81 -34.24 -5.20
CA VAL A 210 15.65 -33.16 -4.68
C VAL A 210 15.57 -31.92 -5.57
N GLY A 211 15.44 -32.12 -6.87
CA GLY A 211 15.25 -30.99 -7.75
C GLY A 211 13.88 -30.37 -7.61
N LEU A 212 12.88 -31.16 -7.26
CA LEU A 212 11.55 -30.61 -7.02
C LEU A 212 11.55 -29.73 -5.79
N GLY A 213 12.25 -30.15 -4.74
CA GLY A 213 12.43 -29.30 -3.58
C GLY A 213 13.13 -28.00 -3.89
N LEU A 214 14.30 -28.07 -4.53
CA LEU A 214 15.02 -26.82 -4.81
C LEU A 214 14.30 -25.95 -5.82
N LEU A 215 13.60 -26.55 -6.76
CA LEU A 215 12.82 -25.77 -7.71
C LEU A 215 11.71 -25.02 -7.01
N ARG A 216 11.03 -25.66 -6.07
CA ARG A 216 10.02 -24.95 -5.31
C ARG A 216 10.62 -23.77 -4.59
N VAL A 217 11.85 -23.91 -4.12
CA VAL A 217 12.49 -22.79 -3.42
C VAL A 217 12.84 -21.66 -4.37
N LEU A 218 13.30 -21.98 -5.57
CA LEU A 218 13.85 -20.96 -6.47
C LEU A 218 12.76 -20.11 -7.09
N GLN A 219 11.54 -20.59 -7.10
CA GLN A 219 10.43 -19.83 -7.64
C GLN A 219 9.81 -18.88 -6.64
N ASN A 220 10.26 -18.90 -5.41
CA ASN A 220 9.79 -17.94 -4.45
C ASN A 220 10.37 -16.57 -4.76
N PRO A 221 9.53 -15.56 -4.95
CA PRO A 221 10.05 -14.22 -5.23
C PRO A 221 11.06 -13.70 -4.22
N ILE A 222 10.90 -14.00 -2.95
CA ILE A 222 11.89 -13.62 -1.96
C ILE A 222 13.28 -14.12 -2.32
N VAL A 223 13.38 -15.21 -3.06
CA VAL A 223 14.66 -15.76 -3.46
C VAL A 223 15.13 -15.17 -4.78
N PHE A 224 14.35 -15.27 -5.85
CA PHE A 224 14.89 -14.83 -7.13
C PHE A 224 14.95 -13.32 -7.23
N MET A 225 14.14 -12.61 -6.45
CA MET A 225 14.22 -11.16 -6.47
C MET A 225 15.43 -10.69 -5.68
N VAL A 226 15.82 -11.43 -4.66
CA VAL A 226 17.03 -11.08 -3.93
C VAL A 226 18.25 -11.41 -4.77
N PHE A 227 18.16 -12.46 -5.60
CA PHE A 227 19.21 -12.75 -6.58
C PHE A 227 19.38 -11.61 -7.57
N ILE A 228 18.29 -11.22 -8.23
CA ILE A 228 18.33 -10.12 -9.19
C ILE A 228 18.79 -8.84 -8.54
N GLY A 229 18.36 -8.59 -7.31
CA GLY A 229 18.76 -7.39 -6.62
C GLY A 229 20.24 -7.32 -6.32
N ILE A 230 20.87 -8.45 -6.02
CA ILE A 230 22.31 -8.44 -5.75
C ILE A 230 23.10 -8.35 -7.04
N ALA A 231 22.67 -9.06 -8.07
CA ALA A 231 23.22 -8.86 -9.41
C ALA A 231 23.25 -7.37 -9.76
N PHE A 232 22.16 -6.67 -9.53
CA PHE A 232 22.14 -5.25 -9.86
C PHE A 232 22.80 -4.38 -8.82
N ASN A 233 22.96 -4.87 -7.59
CA ASN A 233 23.83 -4.21 -6.64
C ASN A 233 25.22 -4.07 -7.22
N PHE A 234 25.66 -5.08 -7.95
CA PHE A 234 27.00 -5.00 -8.50
C PHE A 234 27.03 -4.26 -9.82
N ILE A 235 26.05 -4.56 -10.68
CA ILE A 235 25.96 -3.86 -12.00
C ILE A 235 25.71 -2.36 -11.77
N LEU A 236 24.64 -2.00 -11.06
CA LEU A 236 24.29 -0.57 -10.85
C LEU A 236 25.26 0.06 -9.86
N ASP A 237 26.19 -0.73 -9.31
CA ASP A 237 27.17 -0.20 -8.32
C ASP A 237 26.42 0.32 -7.09
N ARG A 238 25.34 -0.35 -6.69
CA ARG A 238 24.57 0.05 -5.47
C ARG A 238 23.89 1.41 -5.71
N LYS A 239 23.65 1.76 -6.96
CA LYS A 239 22.97 3.05 -7.29
C LYS A 239 21.69 2.77 -8.08
N VAL A 240 20.54 2.83 -7.41
CA VAL A 240 19.24 2.63 -8.11
C VAL A 240 19.10 3.73 -9.17
N PRO A 241 18.76 3.39 -10.44
CA PRO A 241 18.55 4.43 -11.46
C PRO A 241 17.54 5.46 -10.97
N VAL A 242 17.90 6.75 -11.04
CA VAL A 242 17.00 7.83 -10.53
C VAL A 242 15.63 7.70 -11.21
N TYR A 243 15.61 7.50 -12.54
CA TYR A 243 14.34 7.44 -13.24
C TYR A 243 13.42 6.38 -12.69
N VAL A 244 13.96 5.26 -12.23
CA VAL A 244 13.11 4.20 -11.70
C VAL A 244 12.97 4.26 -10.20
N GLU A 245 13.62 5.22 -9.56
CA GLU A 245 13.70 5.28 -8.12
C GLU A 245 12.36 5.57 -7.49
N ASN A 246 11.60 6.51 -8.06
CA ASN A 246 10.28 6.81 -7.53
C ASN A 246 9.35 5.65 -7.72
N PHE A 247 9.46 4.96 -8.84
CA PHE A 247 8.62 3.79 -9.08
C PHE A 247 8.91 2.70 -8.07
N LEU A 248 10.18 2.49 -7.75
CA LEU A 248 10.57 1.43 -6.82
C LEU A 248 10.14 1.80 -5.41
N ASP A 249 10.35 3.05 -5.03
CA ASP A 249 9.90 3.51 -3.72
C ASP A 249 8.40 3.46 -3.61
N GLY A 250 7.68 3.83 -4.65
CA GLY A 250 6.25 3.84 -4.55
C GLY A 250 5.65 2.47 -4.49
N LEU A 251 6.23 1.51 -5.19
CA LEU A 251 5.72 0.16 -5.12
C LEU A 251 6.12 -0.52 -3.81
N GLY A 252 7.33 -0.26 -3.33
CA GLY A 252 7.78 -0.91 -2.12
C GLY A 252 7.27 -0.26 -0.85
N ASN A 253 6.94 1.02 -0.92
CA ASN A 253 6.35 1.70 0.21
C ASN A 253 4.93 1.28 0.47
N SER A 254 4.30 0.63 -0.48
CA SER A 254 2.95 0.15 -0.26
C SER A 254 2.92 -1.29 0.20
N PHE A 255 4.07 -1.90 0.46
CA PHE A 255 4.07 -3.30 0.89
C PHE A 255 3.57 -3.45 2.30
N SER A 256 4.00 -2.59 3.21
CA SER A 256 3.84 -2.87 4.64
C SER A 256 2.38 -2.87 5.05
N GLY A 257 1.69 -1.75 4.82
CA GLY A 257 0.29 -1.68 5.21
C GLY A 257 -0.56 -2.69 4.49
N SER A 258 -0.33 -2.87 3.20
CA SER A 258 -1.15 -3.80 2.44
C SER A 258 -0.95 -5.22 2.88
N ALA A 259 0.28 -5.56 3.25
CA ALA A 259 0.61 -6.91 3.69
C ALA A 259 0.07 -7.20 5.08
N LEU A 260 0.14 -6.23 5.98
CA LEU A 260 -0.47 -6.39 7.30
C LEU A 260 -1.98 -6.51 7.21
N PHE A 261 -2.61 -5.71 6.36
CA PHE A 261 -4.04 -5.84 6.15
C PHE A 261 -4.41 -7.18 5.58
N TYR A 262 -3.67 -7.65 4.58
CA TYR A 262 -3.94 -8.97 4.00
C TYR A 262 -3.73 -10.07 5.00
N LEU A 263 -2.70 -9.98 5.83
CA LEU A 263 -2.53 -10.88 6.95
C LEU A 263 -3.79 -10.95 7.80
N GLY A 264 -4.31 -9.82 8.25
CA GLY A 264 -5.57 -9.82 8.99
C GLY A 264 -6.70 -10.53 8.28
N LEU A 265 -6.84 -10.32 6.98
CA LEU A 265 -7.90 -10.94 6.22
C LEU A 265 -7.78 -12.45 6.17
N THR A 266 -6.57 -12.97 6.19
CA THR A 266 -6.40 -14.40 6.02
C THR A 266 -6.52 -15.15 7.33
N MET A 267 -6.56 -14.42 8.46
CA MET A 267 -6.72 -15.07 9.80
C MET A 267 -8.21 -15.19 10.15
N VAL A 268 -9.10 -14.91 9.19
CA VAL A 268 -10.54 -14.99 9.42
C VAL A 268 -10.96 -16.43 9.25
N GLY A 269 -11.46 -17.03 10.31
CA GLY A 269 -12.04 -18.34 10.24
C GLY A 269 -11.06 -19.49 10.18
N LYS A 270 -9.81 -19.26 10.56
CA LYS A 270 -8.79 -20.26 10.36
C LYS A 270 -8.60 -21.20 11.53
N ILE A 271 -8.98 -20.81 12.74
CA ILE A 271 -8.79 -21.66 13.91
C ILE A 271 -9.94 -22.65 13.92
N LYS A 272 -9.67 -23.87 13.53
CA LYS A 272 -10.69 -24.90 13.59
C LYS A 272 -10.53 -25.74 14.83
N ARG A 273 -11.57 -26.47 15.16
CA ARG A 273 -11.56 -27.31 16.34
C ARG A 273 -10.58 -28.45 16.15
N LEU A 274 -9.47 -28.41 16.90
CA LEU A 274 -8.43 -29.46 16.78
C LEU A 274 -8.48 -30.37 18.00
N LYS A 275 -8.04 -31.62 17.86
CA LYS A 275 -8.01 -32.57 18.99
C LYS A 275 -6.91 -32.12 19.98
N LYS A 276 -7.01 -32.57 21.24
CA LYS A 276 -6.01 -32.17 22.27
C LYS A 276 -4.62 -32.54 21.76
N SER A 277 -4.48 -33.74 21.19
CA SER A 277 -3.17 -34.16 20.61
C SER A 277 -2.65 -33.06 19.69
N ALA A 278 -3.43 -32.71 18.66
CA ALA A 278 -3.00 -31.68 17.73
C ALA A 278 -2.90 -30.33 18.39
N PHE A 279 -3.49 -30.18 19.56
CA PHE A 279 -3.41 -28.95 20.33
C PHE A 279 -2.12 -28.88 21.13
N VAL A 280 -1.61 -30.03 21.58
CA VAL A 280 -0.30 -30.09 22.22
C VAL A 280 0.80 -29.85 21.20
N VAL A 281 0.67 -30.45 20.03
CA VAL A 281 1.60 -30.20 18.94
C VAL A 281 1.72 -28.72 18.66
N LEU A 282 0.62 -28.00 18.63
CA LEU A 282 0.68 -26.57 18.33
C LEU A 282 1.41 -25.81 19.41
N ILE A 283 1.15 -26.11 20.68
CA ILE A 283 1.83 -25.43 21.76
C ILE A 283 3.32 -25.65 21.66
N LEU A 284 3.73 -26.87 21.33
CA LEU A 284 5.16 -27.15 21.20
C LEU A 284 5.77 -26.43 20.01
N LEU A 285 5.04 -26.37 18.89
CA LEU A 285 5.59 -25.73 17.66
C LEU A 285 5.74 -24.23 17.90
N ILE A 286 4.71 -23.58 18.43
CA ILE A 286 4.74 -22.09 18.64
C ILE A 286 5.84 -21.76 19.66
N THR A 287 5.96 -22.56 20.73
CA THR A 287 6.97 -22.30 21.78
C THR A 287 8.38 -22.31 21.16
N ALA A 288 8.64 -23.26 20.25
CA ALA A 288 9.97 -23.37 19.61
C ALA A 288 10.28 -22.08 18.85
N LYS A 289 9.28 -21.52 18.15
CA LYS A 289 9.52 -20.32 17.32
C LYS A 289 9.53 -19.05 18.18
N LEU A 290 8.71 -18.99 19.24
CA LEU A 290 8.58 -17.73 20.03
C LEU A 290 9.44 -17.78 21.31
N LEU A 291 10.10 -18.90 21.60
CA LEU A 291 10.88 -19.01 22.86
C LEU A 291 12.24 -19.62 22.57
N VAL A 292 12.28 -20.88 22.12
CA VAL A 292 13.57 -21.58 21.90
C VAL A 292 14.42 -20.78 20.90
N LEU A 293 13.84 -20.40 19.77
CA LEU A 293 14.60 -19.67 18.72
C LEU A 293 15.13 -18.34 19.27
N PRO A 294 14.30 -17.48 19.90
CA PRO A 294 14.78 -16.23 20.50
C PRO A 294 15.96 -16.47 21.45
N LEU A 295 15.84 -17.49 22.32
CA LEU A 295 16.92 -17.80 23.29
C LEU A 295 18.16 -18.26 22.54
N LEU A 296 18.00 -19.18 21.59
CA LEU A 296 19.13 -19.68 20.81
C LEU A 296 19.79 -18.57 20.00
N CYS A 297 19.00 -17.70 19.37
CA CYS A 297 19.58 -16.60 18.61
C CYS A 297 20.44 -15.75 19.50
N ARG A 298 19.94 -15.40 20.67
CA ARG A 298 20.70 -14.56 21.57
C ARG A 298 21.94 -15.29 22.09
N GLU A 299 21.83 -16.58 22.37
CA GLU A 299 23.00 -17.30 22.85
C GLU A 299 24.06 -17.43 21.78
N MET A 300 23.63 -17.68 20.54
CA MET A 300 24.57 -17.80 19.39
C MET A 300 25.35 -16.49 19.25
N VAL A 301 24.65 -15.35 19.25
CA VAL A 301 25.31 -14.04 19.06
C VAL A 301 26.41 -13.89 20.12
N GLU A 302 26.02 -14.00 21.40
CA GLU A 302 27.01 -13.82 22.50
C GLU A 302 28.13 -14.84 22.35
N LEU A 303 27.80 -16.05 21.87
CA LEU A 303 28.81 -17.13 21.75
C LEU A 303 29.86 -16.77 20.68
N LEU A 304 29.43 -16.27 19.52
CA LEU A 304 30.40 -16.03 18.41
C LEU A 304 30.56 -14.53 18.13
N ASP A 305 30.13 -13.66 19.04
CA ASP A 305 30.36 -12.20 18.86
C ASP A 305 31.35 -11.73 19.93
N LYS A 306 32.52 -11.22 19.51
CA LYS A 306 33.57 -10.83 20.49
C LYS A 306 33.96 -9.36 20.30
N GLY A 307 33.09 -8.56 19.67
CA GLY A 307 33.37 -7.14 19.50
C GLY A 307 33.78 -6.49 20.81
N ASP A 308 34.59 -5.43 20.70
CA ASP A 308 35.22 -4.86 21.88
C ASP A 308 34.38 -3.79 22.55
N SER A 309 33.24 -3.43 21.97
CA SER A 309 32.28 -2.63 22.71
C SER A 309 31.48 -3.57 23.62
N VAL A 310 31.12 -3.08 24.81
CA VAL A 310 30.25 -3.88 25.66
C VAL A 310 28.79 -3.54 25.36
N VAL A 311 28.53 -2.26 25.14
CA VAL A 311 27.18 -1.83 24.82
C VAL A 311 26.77 -2.30 23.44
N ASN A 312 27.72 -2.45 22.53
CA ASN A 312 27.35 -2.92 21.20
C ASN A 312 27.15 -4.41 21.18
N HIS A 313 27.96 -5.17 21.91
CA HIS A 313 27.68 -6.59 22.02
C HIS A 313 26.34 -6.83 22.64
N THR A 314 25.96 -6.00 23.61
CA THR A 314 24.69 -6.18 24.27
C THR A 314 23.54 -5.74 23.39
N SER A 315 23.72 -4.68 22.62
CA SER A 315 22.67 -4.26 21.72
C SER A 315 22.43 -5.30 20.65
N LEU A 316 23.48 -5.98 20.22
CA LEU A 316 23.34 -6.98 19.19
C LEU A 316 22.69 -8.24 19.73
N SER A 317 23.06 -8.65 20.94
CA SER A 317 22.40 -9.78 21.60
C SER A 317 20.91 -9.55 21.73
N ASN A 318 20.52 -8.34 22.11
CA ASN A 318 19.11 -8.11 22.31
C ASN A 318 18.38 -8.01 20.99
N TYR A 319 19.05 -7.50 19.96
CA TYR A 319 18.44 -7.51 18.65
C TYR A 319 18.23 -8.93 18.15
N ALA A 320 19.14 -9.84 18.48
CA ALA A 320 18.96 -11.24 18.11
C ALA A 320 17.79 -11.87 18.83
N PHE A 321 17.65 -11.63 20.13
CA PHE A 321 16.47 -12.09 20.83
C PHE A 321 15.20 -11.62 20.13
N LEU A 322 15.09 -10.32 19.91
CA LEU A 322 13.86 -9.82 19.34
C LEU A 322 13.63 -10.32 17.93
N TYR A 323 14.66 -10.47 17.11
CA TYR A 323 14.46 -11.14 15.84
C TYR A 323 13.81 -12.50 16.03
N GLY A 324 14.34 -13.32 16.93
CA GLY A 324 13.77 -14.64 17.12
C GLY A 324 12.33 -14.67 17.58
N VAL A 325 11.86 -13.55 18.14
CA VAL A 325 10.46 -13.50 18.68
C VAL A 325 9.48 -13.19 17.54
N PHE A 326 9.96 -13.12 16.30
CA PHE A 326 9.08 -12.79 15.15
C PHE A 326 8.01 -13.88 14.99
N PRO A 327 6.78 -13.53 14.54
CA PRO A 327 5.70 -14.51 14.35
C PRO A 327 5.96 -15.41 13.14
N VAL A 328 5.17 -16.47 12.98
CA VAL A 328 5.37 -17.42 11.84
C VAL A 328 4.93 -16.76 10.54
N ALA A 329 5.72 -16.89 9.47
CA ALA A 329 5.38 -16.34 8.18
C ALA A 329 4.13 -17.03 7.61
N PRO A 330 3.21 -16.27 7.02
CA PRO A 330 2.04 -16.89 6.38
C PRO A 330 2.34 -17.69 5.12
N GLY A 331 3.50 -17.46 4.52
CA GLY A 331 3.94 -18.28 3.43
C GLY A 331 4.08 -19.74 3.80
N VAL A 332 4.24 -20.03 5.07
CA VAL A 332 4.34 -21.43 5.50
C VAL A 332 3.01 -22.13 5.32
N ALA A 333 1.92 -21.44 5.62
CA ALA A 333 0.60 -22.01 5.40
C ALA A 333 0.30 -22.11 3.92
N ILE A 334 0.89 -21.22 3.12
CA ILE A 334 0.77 -21.39 1.68
C ILE A 334 1.52 -22.64 1.21
N PHE A 335 2.70 -22.91 1.75
CA PHE A 335 3.38 -24.17 1.45
C PHE A 335 2.49 -25.36 1.81
N ALA A 336 1.90 -25.34 3.01
CA ALA A 336 1.07 -26.46 3.43
C ALA A 336 -0.13 -26.65 2.53
N THR A 337 -0.71 -25.56 2.05
CA THR A 337 -1.78 -25.65 1.07
C THR A 337 -1.29 -26.27 -0.24
N GLN A 338 -0.20 -25.71 -0.79
CA GLN A 338 0.38 -26.26 -2.04
C GLN A 338 0.57 -27.78 -1.89
N PHE A 339 1.30 -28.21 -0.85
CA PHE A 339 1.55 -29.65 -0.64
C PHE A 339 0.28 -30.34 -0.13
N ASN A 340 -0.73 -29.55 0.27
CA ASN A 340 -1.99 -30.12 0.80
C ASN A 340 -1.66 -31.03 2.00
N MET A 341 -0.75 -30.59 2.86
CA MET A 341 -0.33 -31.43 4.02
C MET A 341 -0.43 -30.61 5.30
N GLU A 342 -0.99 -31.18 6.37
CA GLU A 342 -1.07 -30.48 7.69
C GLU A 342 -1.60 -29.06 7.49
N VAL A 343 -2.60 -28.88 6.63
CA VAL A 343 -3.07 -27.53 6.36
C VAL A 343 -3.70 -26.91 7.60
N GLU A 344 -4.56 -27.66 8.27
CA GLU A 344 -5.30 -27.11 9.38
C GLU A 344 -4.40 -26.78 10.56
N ILE A 345 -3.47 -27.66 10.89
CA ILE A 345 -2.59 -27.40 12.02
C ILE A 345 -1.62 -26.27 11.70
N ILE A 346 -1.11 -26.22 10.47
CA ILE A 346 -0.14 -25.18 10.13
C ILE A 346 -0.81 -23.81 10.11
N THR A 347 -2.00 -23.73 9.53
CA THR A 347 -2.71 -22.46 9.45
C THR A 347 -3.20 -22.01 10.82
N SER A 348 -3.80 -22.91 11.60
CA SER A 348 -4.13 -22.57 12.97
C SER A 348 -2.92 -22.07 13.72
N GLY A 349 -1.78 -22.77 13.60
CA GLY A 349 -0.61 -22.36 14.32
C GLY A 349 -0.06 -21.03 13.89
N MET A 350 -0.15 -20.72 12.60
CA MET A 350 0.37 -19.46 12.10
C MET A 350 -0.46 -18.29 12.58
N VAL A 351 -1.78 -18.45 12.59
CA VAL A 351 -2.66 -17.43 13.14
C VAL A 351 -2.45 -17.26 14.65
N ILE A 352 -2.41 -18.35 15.40
CA ILE A 352 -2.20 -18.28 16.85
C ILE A 352 -0.85 -17.63 17.17
N SER A 353 0.18 -17.97 16.41
CA SER A 353 1.49 -17.39 16.60
C SER A 353 1.47 -15.90 16.38
N THR A 354 0.77 -15.45 15.34
CA THR A 354 0.66 -14.01 15.11
C THR A 354 0.06 -13.32 16.31
N PHE A 355 -1.10 -13.79 16.76
CA PHE A 355 -1.74 -13.18 17.92
C PHE A 355 -0.80 -13.15 19.12
N VAL A 356 -0.17 -14.28 19.43
CA VAL A 356 0.65 -14.43 20.63
C VAL A 356 1.96 -13.67 20.60
N SER A 357 2.50 -13.34 19.43
CA SER A 357 3.81 -12.72 19.40
C SER A 357 3.78 -11.27 19.90
N ALA A 358 2.66 -10.58 19.75
CA ALA A 358 2.63 -9.18 20.19
C ALA A 358 2.91 -9.01 21.68
N PRO A 359 2.26 -9.74 22.58
CA PRO A 359 2.63 -9.62 23.99
C PRO A 359 4.05 -10.01 24.27
N ILE A 360 4.53 -11.06 23.60
CA ILE A 360 5.87 -11.57 23.85
C ILE A 360 6.93 -10.59 23.36
N MET A 361 6.80 -10.07 22.15
CA MET A 361 7.74 -9.04 21.72
C MET A 361 7.72 -7.84 22.63
N TYR A 362 6.54 -7.35 22.99
CA TYR A 362 6.48 -6.21 23.91
C TYR A 362 7.22 -6.49 25.20
N VAL A 363 6.82 -7.54 25.90
CA VAL A 363 7.35 -7.83 27.21
C VAL A 363 8.83 -8.16 27.16
N SER A 364 9.25 -8.97 26.18
CA SER A 364 10.67 -9.27 25.99
C SER A 364 11.48 -8.01 25.76
N ALA A 365 11.02 -7.11 24.92
CA ALA A 365 11.82 -5.93 24.65
C ALA A 365 11.95 -5.06 25.88
N TRP A 366 10.90 -4.95 26.69
CA TRP A 366 11.04 -4.18 27.92
C TRP A 366 11.97 -4.85 28.91
N LEU A 367 11.92 -6.18 29.01
CA LEU A 367 12.76 -6.91 29.96
C LEU A 367 14.24 -6.83 29.60
N LEU A 368 14.55 -6.80 28.30
CA LEU A 368 15.94 -6.70 27.90
C LEU A 368 16.53 -5.33 28.17
N THR A 369 15.72 -4.34 28.49
CA THR A 369 16.20 -2.99 28.77
C THR A 369 16.36 -2.71 30.26
N PHE A 370 15.83 -3.54 31.14
CA PHE A 370 15.89 -3.25 32.57
C PHE A 370 17.30 -3.24 33.14
N PRO A 371 18.23 -4.11 32.76
CA PRO A 371 19.60 -4.00 33.30
C PRO A 371 20.24 -2.65 33.08
N THR A 372 19.76 -1.87 32.13
CA THR A 372 20.42 -0.65 31.70
C THR A 372 19.81 0.61 32.31
N MET A 373 18.89 0.47 33.25
CA MET A 373 18.16 1.59 33.81
C MET A 373 18.42 1.71 35.31
N ASP A 374 18.35 2.93 35.81
CA ASP A 374 18.53 3.21 37.21
C ASP A 374 17.26 2.89 37.99
N PRO A 375 17.37 2.65 39.30
CA PRO A 375 16.20 2.18 40.06
C PRO A 375 14.99 3.10 39.99
N LYS A 376 15.20 4.39 39.72
CA LYS A 376 14.06 5.29 39.59
C LYS A 376 13.48 5.26 38.18
N PRO A 377 14.25 5.54 37.13
CA PRO A 377 13.66 5.41 35.77
C PRO A 377 13.09 4.04 35.50
N LEU A 378 13.41 3.05 36.32
CA LEU A 378 12.94 1.68 36.11
C LEU A 378 11.56 1.47 36.74
N ALA A 379 11.25 2.18 37.81
CA ALA A 379 9.89 2.12 38.35
C ALA A 379 8.99 2.99 37.52
N TYR A 380 9.52 4.05 36.94
CA TYR A 380 8.75 4.86 36.02
C TYR A 380 8.56 4.16 34.69
N ALA A 381 9.21 3.03 34.47
CA ALA A 381 9.02 2.30 33.24
C ALA A 381 8.00 1.22 33.40
N ILE A 382 7.88 0.67 34.61
CA ILE A 382 6.88 -0.35 34.87
C ILE A 382 5.49 0.27 34.90
N GLN A 383 5.41 1.55 35.24
CA GLN A 383 4.17 2.28 35.10
C GLN A 383 3.85 2.56 33.63
N ASN A 384 4.85 2.96 32.86
CA ASN A 384 4.72 3.09 31.42
C ASN A 384 4.14 1.83 30.81
N VAL A 385 4.72 0.69 31.16
CA VAL A 385 4.23 -0.57 30.62
C VAL A 385 2.83 -0.88 31.12
N SER A 386 2.58 -0.71 32.42
CA SER A 386 1.25 -0.97 32.96
C SER A 386 0.22 -0.12 32.29
N PHE A 387 0.56 1.11 31.98
CA PHE A 387 -0.34 2.02 31.28
C PHE A 387 -0.65 1.54 29.88
N ASP A 388 0.36 1.11 29.12
CA ASP A 388 0.14 0.61 27.76
C ASP A 388 -0.72 -0.63 27.74
N ILE A 389 -0.48 -1.58 28.64
CA ILE A 389 -1.29 -2.78 28.65
C ILE A 389 -2.73 -2.47 29.00
N SER A 390 -2.95 -1.55 29.92
CA SER A 390 -4.30 -1.10 30.26
C SER A 390 -5.04 -0.52 29.08
N ILE A 391 -4.39 0.34 28.30
CA ILE A 391 -5.00 0.85 27.07
C ILE A 391 -5.59 -0.27 26.25
N VAL A 392 -4.79 -1.26 25.88
CA VAL A 392 -5.30 -2.27 24.96
C VAL A 392 -6.22 -3.25 25.67
N SER A 393 -6.03 -3.47 26.95
CA SER A 393 -6.90 -4.40 27.66
C SER A 393 -8.28 -3.83 27.84
N LEU A 394 -8.39 -2.51 27.99
CA LEU A 394 -9.70 -1.92 28.17
C LEU A 394 -10.53 -2.04 26.91
N ILE A 395 -9.95 -1.70 25.78
CA ILE A 395 -10.67 -1.84 24.52
C ILE A 395 -11.04 -3.29 24.26
N SER A 396 -10.12 -4.23 24.51
CA SER A 396 -10.48 -5.62 24.34
C SER A 396 -11.66 -6.01 25.23
N LEU A 397 -11.74 -5.44 26.43
CA LEU A 397 -12.76 -5.83 27.39
C LEU A 397 -14.10 -5.21 27.07
N ILE A 398 -14.09 -3.95 26.67
CA ILE A 398 -15.32 -3.31 26.22
C ILE A 398 -15.93 -4.08 25.06
N TRP A 399 -15.10 -4.53 24.12
CA TRP A 399 -15.63 -5.35 23.05
C TRP A 399 -16.20 -6.65 23.58
N SER A 400 -15.46 -7.36 24.41
CA SER A 400 -15.93 -8.65 24.88
C SER A 400 -17.16 -8.49 25.76
N LEU A 401 -17.30 -7.33 26.40
CA LEU A 401 -18.44 -7.10 27.33
C LEU A 401 -19.70 -6.86 26.50
N ALA A 402 -19.62 -5.98 25.51
CA ALA A 402 -20.78 -5.71 24.63
C ALA A 402 -21.20 -7.02 23.96
N ILE A 403 -20.22 -7.81 23.49
CA ILE A 403 -20.54 -9.09 22.78
C ILE A 403 -21.39 -9.96 23.71
N LEU A 404 -20.97 -10.11 24.97
CA LEU A 404 -21.72 -10.97 25.93
C LEU A 404 -23.10 -10.35 26.21
N LEU A 405 -23.14 -9.04 26.44
CA LEU A 405 -24.43 -8.37 26.77
C LEU A 405 -25.40 -8.50 25.60
N LEU A 406 -25.06 -7.97 24.43
CA LEU A 406 -25.98 -7.99 23.27
C LEU A 406 -26.33 -9.44 22.91
N SER A 407 -25.36 -10.36 22.99
CA SER A 407 -25.63 -11.78 22.71
C SER A 407 -26.53 -12.36 23.81
N LYS A 408 -26.54 -11.74 24.99
CA LYS A 408 -27.36 -12.23 26.13
C LYS A 408 -26.71 -13.49 26.71
N LYS A 409 -25.51 -13.84 26.23
CA LYS A 409 -24.78 -15.03 26.74
C LYS A 409 -24.44 -14.82 28.22
N TYR A 410 -24.28 -13.56 28.63
CA TYR A 410 -23.90 -13.25 30.04
C TYR A 410 -24.94 -13.79 31.02
N LYS A 411 -26.21 -13.87 30.60
CA LYS A 411 -27.28 -14.31 31.54
C LYS A 411 -27.32 -15.84 31.62
N GLN A 412 -26.44 -16.54 30.94
CA GLN A 412 -26.35 -18.00 31.20
C GLN A 412 -24.96 -18.29 31.79
N LEU A 413 -24.81 -19.40 32.51
CA LEU A 413 -23.52 -19.87 33.09
C LEU A 413 -22.79 -20.73 32.05
N PRO A 414 -21.46 -20.95 32.19
CA PRO A 414 -20.64 -20.23 33.16
C PRO A 414 -20.34 -18.81 32.67
N HIS A 415 -20.97 -18.42 31.56
CA HIS A 415 -20.71 -17.06 30.98
C HIS A 415 -21.16 -15.99 31.98
N MET A 416 -22.12 -16.32 32.86
CA MET A 416 -22.57 -15.35 33.89
C MET A 416 -21.40 -15.05 34.84
N LEU A 417 -20.70 -16.08 35.32
CA LEU A 417 -19.51 -15.85 36.18
C LEU A 417 -18.42 -15.16 35.35
N THR A 418 -18.25 -15.58 34.09
CA THR A 418 -17.22 -14.98 33.22
C THR A 418 -17.50 -13.49 33.04
N THR A 419 -18.77 -13.15 32.77
CA THR A 419 -19.16 -11.74 32.57
C THR A 419 -18.89 -10.98 33.88
N ASN A 420 -18.65 -11.68 34.98
CA ASN A 420 -18.33 -10.94 36.19
C ASN A 420 -16.83 -10.70 36.28
N LEU A 421 -16.04 -11.74 35.97
CA LEU A 421 -14.56 -11.59 35.99
C LEU A 421 -14.14 -10.51 35.00
N LEU A 422 -14.79 -10.48 33.82
CA LEU A 422 -14.44 -9.47 32.78
C LEU A 422 -14.71 -8.07 33.32
N ILE A 423 -15.83 -7.87 34.00
CA ILE A 423 -16.17 -6.53 34.58
C ILE A 423 -15.06 -6.14 35.57
N ALA A 424 -14.65 -7.08 36.43
CA ALA A 424 -13.60 -6.79 37.43
C ALA A 424 -12.31 -6.39 36.70
N GLN A 425 -11.95 -7.14 35.65
CA GLN A 425 -10.71 -6.83 34.87
C GLN A 425 -10.83 -5.43 34.27
N SER A 426 -12.03 -5.07 33.78
CA SER A 426 -12.23 -3.74 33.14
C SER A 426 -11.97 -2.63 34.16
N ILE A 427 -12.52 -2.76 35.37
CA ILE A 427 -12.30 -1.73 36.43
C ILE A 427 -10.80 -1.49 36.58
N VAL A 428 -10.05 -2.57 36.86
CA VAL A 428 -8.60 -2.47 37.01
C VAL A 428 -8.01 -1.55 35.95
N CYS A 429 -8.29 -1.81 34.67
CA CYS A 429 -7.59 -1.08 33.61
C CYS A 429 -7.87 0.42 33.69
N ALA A 430 -9.02 0.78 34.27
CA ALA A 430 -9.34 2.21 34.45
C ALA A 430 -8.54 2.76 35.64
N GLY A 431 -8.56 2.05 36.77
CA GLY A 431 -7.83 2.51 37.98
C GLY A 431 -6.35 2.65 37.73
N MET A 432 -5.76 1.69 37.01
CA MET A 432 -4.30 1.73 36.70
C MET A 432 -4.00 2.97 35.83
N MET A 433 -4.80 3.18 34.79
CA MET A 433 -4.56 4.32 33.85
C MET A 433 -4.78 5.65 34.58
N ILE A 434 -5.30 5.63 35.79
CA ILE A 434 -5.42 6.88 36.55
C ILE A 434 -4.50 6.81 37.76
N TRP A 435 -4.19 5.60 38.22
CA TRP A 435 -3.21 5.48 39.32
C TRP A 435 -1.90 6.14 38.89
N ASN A 436 -1.49 5.93 37.64
CA ASN A 436 -0.26 6.57 37.11
C ASN A 436 -0.46 8.08 37.11
N PHE A 437 -1.72 8.53 37.13
CA PHE A 437 -2.01 9.99 37.13
C PHE A 437 -2.31 10.44 38.57
N VAL A 438 -2.23 9.52 39.52
CA VAL A 438 -2.52 9.86 40.91
C VAL A 438 -1.36 9.50 41.83
N LYS A 439 -0.50 8.59 41.39
CA LYS A 439 0.64 8.15 42.24
C LYS A 439 1.41 9.39 42.69
N GLU A 440 1.73 9.48 43.98
CA GLU A 440 2.44 10.68 44.53
C GLU A 440 1.61 11.93 44.24
N LYS A 441 0.29 11.86 44.45
CA LYS A 441 -0.59 13.03 44.23
C LYS A 441 -1.95 12.80 44.92
N ASN A 442 -2.55 13.87 45.44
CA ASN A 442 -3.88 13.78 46.10
C ASN A 442 -3.94 12.50 46.95
N PHE A 443 -3.11 12.42 48.00
CA PHE A 443 -3.08 11.21 48.88
C PHE A 443 -4.51 10.75 49.16
N VAL A 444 -5.40 11.68 49.48
CA VAL A 444 -6.82 11.33 49.77
C VAL A 444 -7.44 10.73 48.51
N GLY A 445 -7.56 11.53 47.44
CA GLY A 445 -8.17 11.05 46.21
C GLY A 445 -7.36 9.95 45.56
N GLN A 446 -6.29 9.53 46.23
CA GLN A 446 -5.52 8.41 45.72
C GLN A 446 -5.82 7.20 46.61
N ILE A 447 -6.61 7.41 47.66
CA ILE A 447 -7.03 6.29 48.50
C ILE A 447 -8.18 5.56 47.84
N LEU A 448 -8.96 6.28 47.03
CA LEU A 448 -10.04 5.65 46.29
C LEU A 448 -9.52 4.97 45.03
N VAL A 449 -8.75 5.70 44.22
CA VAL A 449 -8.28 5.11 42.93
C VAL A 449 -7.55 3.80 43.25
N PHE A 450 -6.70 3.81 44.28
CA PHE A 450 -5.97 2.58 44.69
C PHE A 450 -6.98 1.54 45.20
N VAL A 451 -7.99 1.99 45.95
CA VAL A 451 -9.01 1.05 46.53
C VAL A 451 -9.81 0.43 45.38
N LEU A 452 -10.35 1.27 44.49
CA LEU A 452 -11.12 0.74 43.33
C LEU A 452 -10.16 -0.05 42.44
N LEU A 453 -8.85 0.06 42.70
CA LEU A 453 -7.88 -0.69 41.93
C LEU A 453 -7.65 -2.06 42.53
N TYR A 454 -7.82 -2.21 43.84
CA TYR A 454 -7.47 -3.46 44.49
C TYR A 454 -8.65 -4.28 44.99
N SER A 455 -9.83 -3.68 45.11
CA SER A 455 -11.02 -4.49 45.26
C SER A 455 -11.30 -5.25 43.99
N SER A 456 -11.36 -4.54 42.87
CA SER A 456 -11.48 -5.17 41.57
C SER A 456 -10.37 -6.17 41.32
N LEU A 457 -9.15 -5.81 41.66
CA LEU A 457 -8.05 -6.72 41.36
C LEU A 457 -8.08 -7.96 42.23
N TYR A 458 -8.53 -7.84 43.48
CA TYR A 458 -8.76 -9.07 44.25
C TYR A 458 -9.99 -9.79 43.74
N SER A 459 -10.95 -9.02 43.21
CA SER A 459 -12.13 -9.61 42.58
C SER A 459 -11.72 -10.45 41.37
N THR A 460 -10.81 -9.95 40.54
CA THR A 460 -10.37 -10.78 39.42
C THR A 460 -9.60 -12.01 39.92
N TYR A 461 -8.87 -11.88 41.04
CA TYR A 461 -8.19 -13.05 41.56
C TYR A 461 -9.19 -14.04 42.13
N LEU A 462 -10.26 -13.55 42.75
CA LEU A 462 -11.23 -14.45 43.35
C LEU A 462 -12.19 -15.00 42.30
N TRP A 463 -12.57 -14.17 41.33
CA TRP A 463 -13.45 -14.64 40.28
C TRP A 463 -12.82 -15.77 39.46
N THR A 464 -11.49 -15.76 39.27
CA THR A 464 -10.84 -16.89 38.63
C THR A 464 -11.11 -18.19 39.37
N GLY A 465 -11.04 -18.16 40.70
CA GLY A 465 -11.30 -19.36 41.46
C GLY A 465 -12.75 -19.76 41.46
N LEU A 466 -13.65 -18.82 41.76
CA LEU A 466 -15.08 -19.08 41.67
C LEU A 466 -15.47 -19.71 40.32
N LEU A 467 -14.90 -19.21 39.22
CA LEU A 467 -15.25 -19.71 37.89
C LEU A 467 -14.92 -21.19 37.74
N ALA A 468 -13.75 -21.61 38.22
CA ALA A 468 -13.36 -23.01 38.10
C ALA A 468 -14.20 -23.92 38.98
N ILE A 469 -15.02 -23.30 39.85
CA ILE A 469 -15.93 -24.10 40.73
C ILE A 469 -17.17 -24.47 39.90
N SER A 470 -17.80 -23.47 39.28
CA SER A 470 -19.00 -23.74 38.45
C SER A 470 -18.64 -24.72 37.33
N LEU A 471 -17.45 -24.56 36.73
CA LEU A 471 -17.00 -25.53 35.71
C LEU A 471 -17.00 -26.92 36.35
N PHE A 472 -16.55 -27.00 37.61
CA PHE A 472 -16.58 -28.29 38.36
C PHE A 472 -18.04 -28.65 38.67
N LEU A 473 -18.83 -27.65 39.07
CA LEU A 473 -20.26 -27.89 39.40
C LEU A 473 -21.01 -28.38 38.16
N LEU A 474 -20.52 -28.00 36.97
CA LEU A 474 -21.16 -28.43 35.70
C LEU A 474 -21.22 -29.96 35.67
N LYS A 475 -20.15 -30.62 36.14
CA LYS A 475 -20.16 -32.10 36.21
C LYS A 475 -21.38 -32.53 37.03
N LYS A 476 -21.61 -31.87 38.17
CA LYS A 476 -22.81 -32.17 39.00
C LYS A 476 -23.98 -31.33 38.46
N ARG A 477 -24.44 -31.63 37.24
CA ARG A 477 -25.53 -30.82 36.62
C ARG A 477 -26.76 -30.86 37.53
N GLU A 478 -27.16 -32.04 37.98
CA GLU A 478 -28.32 -32.18 38.89
C GLU A 478 -28.20 -31.14 40.01
N ARG A 479 -26.97 -30.91 40.48
CA ARG A 479 -26.74 -29.91 41.57
C ARG A 479 -26.81 -28.50 40.97
N VAL A 480 -27.93 -27.81 41.20
CA VAL A 480 -28.09 -26.41 40.69
C VAL A 480 -27.01 -25.53 41.33
N GLN A 481 -26.30 -24.73 40.53
CA GLN A 481 -25.23 -23.85 41.06
C GLN A 481 -25.85 -22.75 41.92
N ILE A 482 -25.03 -21.99 42.63
CA ILE A 482 -25.54 -20.90 43.52
C ILE A 482 -24.83 -19.59 43.16
N PRO A 483 -25.15 -18.95 42.01
CA PRO A 483 -24.54 -17.66 41.66
C PRO A 483 -24.81 -16.66 42.79
N VAL A 484 -26.02 -16.69 43.36
CA VAL A 484 -26.34 -15.80 44.51
C VAL A 484 -25.39 -16.15 45.66
N GLY A 485 -24.82 -15.15 46.32
CA GLY A 485 -23.87 -15.39 47.42
C GLY A 485 -22.45 -15.53 46.90
N ILE A 486 -22.30 -15.70 45.60
CA ILE A 486 -20.98 -15.77 45.03
C ILE A 486 -20.83 -14.73 43.91
N ILE A 487 -21.95 -14.31 43.33
CA ILE A 487 -21.95 -13.29 42.23
C ILE A 487 -21.43 -11.96 42.77
N ILE A 488 -21.79 -11.61 44.00
CA ILE A 488 -21.34 -10.32 44.60
C ILE A 488 -20.87 -10.55 46.04
N ILE A 489 -21.63 -11.34 46.81
CA ILE A 489 -21.28 -11.56 48.25
C ILE A 489 -19.82 -12.02 48.32
N SER A 490 -19.43 -12.97 47.47
CA SER A 490 -18.02 -13.42 47.43
C SER A 490 -17.31 -12.83 46.22
N GLY A 491 -18.02 -12.72 45.09
CA GLY A 491 -17.38 -12.22 43.85
C GLY A 491 -16.63 -10.92 44.06
N TRP A 492 -17.26 -9.96 44.74
CA TRP A 492 -16.62 -8.64 44.99
C TRP A 492 -16.65 -8.32 46.49
N GLY A 493 -17.61 -8.88 47.23
CA GLY A 493 -17.73 -8.61 48.67
C GLY A 493 -16.47 -9.01 49.42
N ILE A 494 -15.98 -10.23 49.19
CA ILE A 494 -14.73 -10.70 49.84
C ILE A 494 -13.57 -9.80 49.39
N PRO A 495 -13.34 -9.59 48.08
CA PRO A 495 -12.28 -8.71 47.60
C PRO A 495 -12.39 -7.31 48.21
N ALA A 496 -13.59 -6.74 48.21
CA ALA A 496 -13.80 -5.38 48.76
C ALA A 496 -13.42 -5.37 50.24
N LEU A 497 -13.83 -6.40 50.99
CA LEU A 497 -13.51 -6.47 52.44
C LEU A 497 -11.99 -6.57 52.62
N LEU A 498 -11.31 -7.30 51.73
CA LEU A 498 -9.84 -7.49 51.84
C LEU A 498 -9.15 -6.13 51.74
N VAL A 499 -9.61 -5.28 50.82
CA VAL A 499 -9.00 -3.92 50.65
C VAL A 499 -9.18 -3.15 51.97
N GLY A 500 -10.38 -3.19 52.55
CA GLY A 500 -10.61 -2.52 53.84
C GLY A 500 -9.65 -3.04 54.88
N VAL A 501 -9.34 -4.34 54.83
CA VAL A 501 -8.37 -4.94 55.79
C VAL A 501 -7.03 -4.22 55.65
N LEU A 502 -6.61 -3.96 54.40
CA LEU A 502 -5.31 -3.27 54.17
C LEU A 502 -5.55 -1.76 54.04
N LEU A 503 -6.74 -1.29 54.41
CA LEU A 503 -7.06 0.16 54.34
C LEU A 503 -7.33 0.70 55.74
N ILE A 504 -7.59 -0.20 56.71
CA ILE A 504 -7.88 0.22 58.11
C ILE A 504 -6.84 1.26 58.53
N THR A 505 -5.59 1.08 58.09
CA THR A 505 -4.52 2.05 58.43
C THR A 505 -4.96 3.46 57.99
N GLY A 506 -4.92 4.43 58.90
CA GLY A 506 -5.34 5.81 58.59
C GLY A 506 -4.18 6.63 58.05
N LYS A 507 -4.45 7.48 57.06
CA LYS A 507 -3.39 8.35 56.47
C LYS A 507 -2.19 7.48 56.07
N HIS A 508 -2.45 6.30 55.50
CA HIS A 508 -1.36 5.38 55.09
C HIS A 508 -1.11 5.53 53.58
N ASN A 509 -1.61 6.61 52.99
CA ASN A 509 -1.40 6.87 51.53
C ASN A 509 0.05 6.54 51.17
N GLY A 510 0.24 5.68 50.17
CA GLY A 510 1.61 5.28 49.75
C GLY A 510 2.06 6.04 48.51
N ASP A 511 3.11 6.86 48.64
CA ASP A 511 3.67 7.57 47.46
C ASP A 511 4.34 6.54 46.55
N SER A 512 4.44 5.30 47.02
CA SER A 512 5.08 4.22 46.21
C SER A 512 4.56 4.28 44.78
N ILE A 513 5.47 4.27 43.80
CA ILE A 513 5.07 4.38 42.37
C ILE A 513 4.17 3.18 42.01
N ASP A 514 4.19 2.12 42.84
CA ASP A 514 3.42 0.90 42.46
C ASP A 514 2.32 0.71 43.51
N SER A 515 1.06 0.64 43.07
CA SER A 515 -0.08 0.44 44.00
C SER A 515 0.17 -0.83 44.82
N ALA A 516 0.96 -1.76 44.28
CA ALA A 516 1.28 -3.02 45.00
C ALA A 516 1.99 -2.68 46.33
N PHE A 517 2.72 -1.57 46.36
CA PHE A 517 3.48 -1.18 47.58
C PHE A 517 2.85 0.08 48.19
N PHE A 518 1.63 0.43 47.74
CA PHE A 518 0.92 1.62 48.29
C PHE A 518 0.76 1.42 49.80
N TYR A 519 0.84 0.18 50.25
CA TYR A 519 0.75 -0.12 51.71
C TYR A 519 1.97 -0.95 52.11
N GLY A 520 2.10 -1.28 53.40
CA GLY A 520 3.28 -2.03 53.87
C GLY A 520 3.18 -3.51 53.53
N LYS A 521 3.90 -4.35 54.29
CA LYS A 521 3.86 -5.82 54.06
C LYS A 521 2.40 -6.28 54.15
N GLU A 522 1.57 -5.55 54.90
CA GLU A 522 0.14 -5.93 55.05
C GLU A 522 -0.48 -6.08 53.66
N GLN A 523 -0.30 -5.10 52.79
CA GLN A 523 -0.83 -5.18 51.40
C GLN A 523 -0.27 -6.45 50.74
N MET A 524 1.04 -6.68 50.89
CA MET A 524 1.66 -7.90 50.30
C MET A 524 1.03 -9.14 50.95
N ILE A 525 0.77 -9.08 52.26
CA ILE A 525 0.16 -10.22 53.00
C ILE A 525 -1.25 -10.48 52.44
N THR A 526 -2.17 -9.51 52.60
CA THR A 526 -3.54 -9.73 52.17
C THR A 526 -3.58 -10.11 50.70
N THR A 527 -2.62 -9.62 49.91
CA THR A 527 -2.57 -10.02 48.51
C THR A 527 -2.01 -11.42 48.35
N ALA A 528 -1.15 -11.85 49.27
CA ALA A 528 -0.60 -13.19 49.16
C ALA A 528 -1.60 -14.25 49.61
N VAL A 529 -2.56 -13.87 50.46
CA VAL A 529 -3.54 -14.85 50.92
C VAL A 529 -4.79 -14.81 50.04
N THR A 530 -5.18 -13.63 49.55
CA THR A 530 -6.20 -13.59 48.51
C THR A 530 -5.84 -14.52 47.36
N LEU A 531 -4.55 -14.64 47.08
CA LEU A 531 -4.09 -15.45 45.96
C LEU A 531 -4.10 -16.93 46.30
N PHE A 532 -4.05 -17.24 47.60
CA PHE A 532 -3.85 -18.61 48.03
C PHE A 532 -5.15 -19.39 47.99
N CYS A 533 -6.23 -18.77 48.46
CA CYS A 533 -7.55 -19.35 48.27
C CYS A 533 -7.81 -19.63 46.80
N SER A 534 -7.68 -18.61 45.96
CA SER A 534 -8.01 -18.76 44.55
C SER A 534 -7.07 -19.71 43.83
N ILE A 535 -5.80 -19.79 44.25
CA ILE A 535 -4.89 -20.75 43.62
C ILE A 535 -5.32 -22.17 43.93
N LEU A 536 -5.76 -22.43 45.16
CA LEU A 536 -6.18 -23.77 45.50
C LEU A 536 -7.64 -24.02 45.12
N ILE A 537 -8.52 -23.05 45.31
CA ILE A 537 -9.89 -23.17 44.80
C ILE A 537 -9.88 -23.64 43.37
N ALA A 538 -9.21 -22.89 42.48
CA ALA A 538 -9.22 -23.20 41.06
C ALA A 538 -8.55 -24.54 40.78
N GLY A 539 -7.41 -24.77 41.43
CA GLY A 539 -6.67 -26.05 41.23
C GLY A 539 -7.53 -27.24 41.60
N ILE A 540 -7.97 -27.31 42.86
CA ILE A 540 -8.77 -28.47 43.34
C ILE A 540 -10.03 -28.60 42.48
N SER A 541 -10.74 -27.50 42.25
CA SER A 541 -12.01 -27.56 41.47
C SER A 541 -11.74 -28.08 40.06
N LEU A 542 -10.71 -27.57 39.39
CA LEU A 542 -10.42 -28.01 38.04
C LEU A 542 -10.14 -29.52 38.04
N MET A 543 -9.25 -29.96 38.91
CA MET A 543 -8.92 -31.40 38.98
C MET A 543 -10.18 -32.19 39.37
N CYS A 544 -10.92 -31.70 40.36
CA CYS A 544 -12.18 -32.38 40.79
C CYS A 544 -13.18 -32.37 39.65
N MET A 545 -13.18 -31.30 38.83
CA MET A 545 -14.11 -31.21 37.67
C MET A 545 -13.83 -32.38 36.74
N ASN A 546 -12.56 -32.73 36.55
CA ASN A 546 -12.19 -33.87 35.68
C ASN A 546 -12.86 -35.15 36.20
N ASP A 655 -24.53 -23.63 24.32
CA ASP A 655 -23.12 -23.97 24.32
C ASP A 655 -22.48 -23.51 25.61
N GLN A 656 -22.31 -24.45 26.53
CA GLN A 656 -21.67 -24.15 27.80
C GLN A 656 -20.23 -23.71 27.61
N GLN A 657 -19.60 -24.16 26.53
CA GLN A 657 -18.27 -23.70 26.15
C GLN A 657 -17.26 -24.03 27.24
N LEU A 658 -17.53 -25.11 27.96
CA LEU A 658 -16.71 -25.56 29.08
C LEU A 658 -15.28 -25.87 28.70
N THR A 659 -14.99 -26.00 27.40
CA THR A 659 -13.63 -26.27 26.99
C THR A 659 -12.80 -25.00 27.02
N ARG A 660 -13.37 -23.92 26.50
CA ARG A 660 -12.71 -22.59 26.43
C ARG A 660 -12.55 -22.03 27.82
N HIS A 661 -13.52 -22.31 28.70
CA HIS A 661 -13.54 -21.75 30.04
C HIS A 661 -12.44 -22.34 30.90
N VAL A 662 -12.23 -23.65 30.80
CA VAL A 662 -11.09 -24.26 31.46
C VAL A 662 -9.79 -23.73 30.87
N LEU A 663 -9.81 -23.44 29.57
CA LEU A 663 -8.67 -22.77 28.95
C LEU A 663 -8.46 -21.39 29.51
N LEU A 664 -9.53 -20.72 29.92
CA LEU A 664 -9.38 -19.43 30.57
C LEU A 664 -8.74 -19.58 31.95
N CYS A 665 -9.40 -20.32 32.84
CA CYS A 665 -8.92 -20.49 34.20
C CYS A 665 -7.50 -21.04 34.23
N LEU A 666 -7.20 -21.98 33.34
CA LEU A 666 -5.85 -22.53 33.24
C LEU A 666 -4.83 -21.45 32.90
N LEU A 667 -5.21 -20.47 32.10
CA LEU A 667 -4.29 -19.37 31.82
C LEU A 667 -4.31 -18.34 32.94
N LEU A 668 -5.46 -18.13 33.55
CA LEU A 668 -5.53 -17.17 34.64
C LEU A 668 -4.81 -17.68 35.88
N ILE A 669 -4.69 -19.00 36.04
CA ILE A 669 -3.97 -19.53 37.19
C ILE A 669 -2.46 -19.39 37.01
N ILE A 670 -1.98 -19.48 35.78
CA ILE A 670 -0.56 -19.25 35.53
C ILE A 670 -0.18 -17.83 35.94
N GLY A 671 -1.10 -16.89 35.81
CA GLY A 671 -0.88 -15.57 36.38
C GLY A 671 -0.91 -15.55 37.89
N LEU A 672 -1.92 -16.15 38.50
CA LEU A 672 -2.02 -16.20 39.96
C LEU A 672 -0.78 -16.84 40.58
N PHE A 673 -0.04 -17.61 39.79
CA PHE A 673 1.21 -18.24 40.31
C PHE A 673 2.30 -17.17 40.44
N ALA A 674 2.45 -16.32 39.42
CA ALA A 674 3.51 -15.29 39.43
C ALA A 674 3.27 -14.30 40.58
N ASN A 675 2.05 -13.76 40.69
CA ASN A 675 1.77 -12.73 41.72
C ASN A 675 1.96 -13.35 43.11
N LEU A 676 1.45 -14.56 43.32
CA LEU A 676 1.57 -15.23 44.65
C LEU A 676 3.05 -15.37 44.98
N SER A 677 3.86 -15.80 44.02
CA SER A 677 5.33 -15.96 44.24
C SER A 677 5.93 -14.60 44.61
N SER A 678 5.59 -13.55 43.87
CA SER A 678 6.16 -12.20 44.11
C SER A 678 5.84 -11.74 45.53
N CYS A 679 4.58 -11.90 45.97
CA CYS A 679 4.17 -11.42 47.31
C CYS A 679 4.96 -12.18 48.39
N LEU A 680 4.96 -13.51 48.33
CA LEU A 680 5.67 -14.33 49.35
C LEU A 680 7.18 -14.06 49.24
N TRP A 681 7.70 -14.06 48.01
CA TRP A 681 9.16 -13.82 47.80
C TRP A 681 9.56 -12.52 48.51
N TRP A 682 8.76 -11.46 48.33
CA TRP A 682 9.04 -10.16 49.01
C TRP A 682 8.85 -10.32 50.52
N LEU A 683 7.75 -10.97 50.94
CA LEU A 683 7.46 -11.14 52.39
C LEU A 683 8.59 -11.97 53.04
N PHE A 684 9.41 -12.62 52.22
CA PHE A 684 10.58 -13.38 52.76
C PHE A 684 11.77 -12.42 52.78
N ASN A 685 12.28 -12.05 51.60
CA ASN A 685 13.38 -11.04 51.55
C ASN A 685 12.78 -9.71 51.12
N GLN A 686 12.53 -8.81 52.07
CA GLN A 686 11.86 -7.51 51.75
C GLN A 686 12.67 -6.78 50.67
N GLU A 687 11.99 -6.17 49.70
CA GLU A 687 12.69 -5.52 48.59
C GLU A 687 13.75 -6.46 48.02
N PRO A 688 13.32 -7.64 47.54
CA PRO A 688 14.30 -8.60 47.02
C PRO A 688 14.86 -8.16 45.66
N GLY A 689 16.12 -8.50 45.37
CA GLY A 689 16.75 -8.07 44.10
C GLY A 689 17.02 -9.26 43.18
N ARG A 690 16.63 -10.46 43.60
CA ARG A 690 16.89 -11.68 42.78
C ARG A 690 15.82 -11.81 41.70
N LEU A 691 15.91 -10.99 40.64
CA LEU A 691 14.95 -11.07 39.52
C LEU A 691 13.54 -10.77 40.03
N TYR A 692 13.44 -10.04 41.15
CA TYR A 692 12.12 -9.73 41.75
C TYR A 692 11.42 -8.63 40.93
N VAL A 693 12.05 -7.47 40.81
CA VAL A 693 11.49 -6.36 39.97
C VAL A 693 11.04 -6.97 38.64
N GLU A 694 11.85 -7.85 38.06
CA GLU A 694 11.45 -8.53 36.80
C GLU A 694 10.13 -9.26 37.08
N LEU A 695 10.02 -9.95 38.22
CA LEU A 695 8.76 -10.59 38.56
C LEU A 695 7.70 -9.56 38.89
N GLN A 696 8.09 -8.46 39.54
CA GLN A 696 7.17 -7.37 39.77
C GLN A 696 6.64 -6.82 38.44
N PHE A 697 7.38 -7.02 37.36
CA PHE A 697 6.95 -6.53 36.06
C PHE A 697 5.93 -7.47 35.45
N PHE A 698 6.14 -8.77 35.58
CA PHE A 698 5.21 -9.76 35.05
C PHE A 698 3.89 -9.76 35.79
N CYS A 699 3.90 -9.38 37.04
CA CYS A 699 2.66 -9.26 37.79
C CYS A 699 1.86 -8.05 37.34
N ALA A 700 2.55 -7.02 36.85
CA ALA A 700 1.83 -5.83 36.32
C ALA A 700 1.20 -6.20 34.98
N VAL A 701 1.95 -6.87 34.10
CA VAL A 701 1.44 -7.23 32.75
C VAL A 701 0.22 -8.15 32.90
N PHE A 702 0.27 -9.08 33.85
CA PHE A 702 -0.86 -10.04 34.06
C PHE A 702 -2.05 -9.31 34.69
N ASN A 703 -1.80 -8.47 35.68
CA ASN A 703 -2.91 -7.78 36.41
C ASN A 703 -3.70 -6.91 35.42
N PHE A 704 -3.01 -6.18 34.54
CA PHE A 704 -3.71 -5.25 33.61
C PHE A 704 -3.80 -5.90 32.22
N GLY A 705 -3.35 -7.15 32.08
CA GLY A 705 -3.45 -7.87 30.79
C GLY A 705 -4.45 -9.00 30.88
N GLN A 706 -5.12 -9.14 32.03
CA GLN A 706 -6.11 -10.23 32.23
C GLN A 706 -7.20 -10.12 31.17
N GLY A 707 -7.68 -8.90 30.91
CA GLY A 707 -8.77 -8.68 29.93
C GLY A 707 -8.39 -9.16 28.54
N PHE A 708 -7.17 -8.82 28.09
CA PHE A 708 -6.72 -9.21 26.73
C PHE A 708 -6.77 -10.73 26.60
N ILE A 709 -6.42 -11.45 27.67
CA ILE A 709 -6.47 -12.93 27.64
C ILE A 709 -7.94 -13.35 27.40
N SER A 710 -8.86 -12.84 28.22
CA SER A 710 -10.27 -13.18 28.04
C SER A 710 -10.76 -12.80 26.66
N PHE A 711 -10.17 -11.78 26.06
CA PHE A 711 -10.57 -11.35 24.73
C PHE A 711 -10.26 -12.39 23.68
N GLY A 712 -8.99 -12.83 23.60
CA GLY A 712 -8.61 -13.89 22.69
C GLY A 712 -9.40 -15.17 22.83
N ILE A 713 -9.99 -15.41 24.01
CA ILE A 713 -10.81 -16.58 24.26
C ILE A 713 -12.28 -16.32 23.96
N PHE A 714 -12.80 -15.17 24.36
CA PHE A 714 -14.24 -14.95 24.32
C PHE A 714 -14.66 -13.70 23.55
N GLY A 715 -13.74 -12.95 22.97
CA GLY A 715 -14.14 -11.75 22.27
C GLY A 715 -14.28 -11.96 20.78
N LEU A 716 -13.59 -12.99 20.27
CA LEU A 716 -13.63 -13.28 18.81
C LEU A 716 -14.74 -14.29 18.53
N ASP A 717 -15.29 -14.91 19.59
CA ASP A 717 -16.37 -15.92 19.42
C ASP A 717 -17.57 -15.26 18.74
N LYS A 718 -18.18 -15.94 17.77
CA LYS A 718 -19.38 -15.39 17.07
C LYS A 718 -20.56 -15.36 18.04
N HIS A 719 -21.33 -14.27 18.05
CA HIS A 719 -22.48 -14.14 18.98
C HIS A 719 -23.65 -13.45 18.26
N LEU A 720 -24.88 -13.87 18.57
CA LEU A 720 -26.08 -13.28 17.92
C LEU A 720 -26.48 -12.00 18.67
N ILE A 721 -25.83 -10.88 18.37
CA ILE A 721 -26.14 -9.59 19.05
C ILE A 721 -27.23 -8.87 18.25
N ILE A 722 -28.47 -8.88 18.76
CA ILE A 722 -29.60 -8.22 18.05
C ILE A 722 -29.80 -6.83 18.66
N LEU A 723 -29.36 -5.79 17.95
CA LEU A 723 -29.51 -4.39 18.44
C LEU A 723 -31.00 -4.08 18.66
N PRO A 724 -31.91 -4.39 17.70
CA PRO A 724 -33.34 -4.19 17.92
C PRO A 724 -33.90 -5.22 18.92
N PRO B 38 14.73 27.02 -10.09
CA PRO B 38 13.74 28.09 -9.91
C PRO B 38 12.64 27.74 -8.92
N SER B 39 11.38 27.73 -9.39
CA SER B 39 10.24 27.47 -8.48
C SER B 39 9.72 26.04 -8.66
N MET B 40 9.84 25.48 -9.87
CA MET B 40 9.32 24.12 -10.14
C MET B 40 10.49 23.18 -10.45
N SER B 41 10.55 22.03 -9.79
CA SER B 41 11.62 21.03 -10.07
C SER B 41 11.19 20.13 -11.24
N ILE B 42 11.21 20.68 -12.46
CA ILE B 42 10.75 19.90 -13.65
C ILE B 42 11.62 18.64 -13.79
N THR B 43 12.91 18.75 -13.49
CA THR B 43 13.81 17.57 -13.55
C THR B 43 13.19 16.42 -12.77
N ARG B 44 12.60 16.69 -11.60
CA ARG B 44 12.03 15.61 -10.75
C ARG B 44 10.65 15.18 -11.26
N LEU B 45 10.13 15.85 -12.30
CA LEU B 45 8.75 15.55 -12.78
C LEU B 45 8.73 14.22 -13.53
N PHE B 46 9.70 13.97 -14.41
CA PHE B 46 9.67 12.74 -15.25
C PHE B 46 9.67 11.47 -14.38
N PRO B 47 10.57 11.33 -13.38
CA PRO B 47 10.58 10.15 -12.50
C PRO B 47 9.26 10.02 -11.74
N ALA B 48 8.67 11.15 -11.31
CA ALA B 48 7.36 11.11 -10.61
C ALA B 48 6.29 10.54 -11.55
N LEU B 49 6.28 11.00 -12.80
CA LEU B 49 5.31 10.47 -13.80
C LEU B 49 5.59 8.98 -14.02
N LEU B 50 6.87 8.61 -14.12
CA LEU B 50 7.26 7.18 -14.29
C LEU B 50 6.66 6.37 -13.14
N GLU B 51 6.78 6.87 -11.91
CA GLU B 51 6.18 6.19 -10.78
C GLU B 51 4.67 6.07 -10.92
N CYS B 52 4.00 7.19 -11.11
CA CYS B 52 2.55 7.21 -11.17
C CYS B 52 2.01 6.33 -12.26
N PHE B 53 2.54 6.43 -13.48
CA PHE B 53 1.98 5.69 -14.58
C PHE B 53 2.61 4.32 -14.75
N GLY B 54 3.81 4.08 -14.23
CA GLY B 54 4.32 2.75 -14.11
C GLY B 54 3.49 1.87 -13.21
N ILE B 55 3.10 2.34 -12.03
CA ILE B 55 2.25 1.53 -11.16
C ILE B 55 0.88 1.32 -11.77
N VAL B 56 0.35 2.32 -12.46
CA VAL B 56 -0.92 2.16 -13.16
C VAL B 56 -0.82 1.07 -14.21
N LEU B 57 0.30 1.05 -14.94
CA LEU B 57 0.52 0.06 -15.99
C LEU B 57 0.75 -1.33 -15.41
N CYS B 58 1.44 -1.43 -14.29
CA CYS B 58 1.52 -2.69 -13.56
C CYS B 58 0.14 -3.23 -13.25
N GLY B 59 -0.76 -2.40 -12.74
CA GLY B 59 -2.11 -2.84 -12.47
C GLY B 59 -2.87 -3.26 -13.72
N TYR B 60 -2.68 -2.49 -14.79
CA TYR B 60 -3.34 -2.82 -16.08
C TYR B 60 -2.85 -4.18 -16.56
N ILE B 61 -1.52 -4.39 -16.59
CA ILE B 61 -0.95 -5.66 -17.00
C ILE B 61 -1.46 -6.78 -16.11
N ALA B 62 -1.48 -6.59 -14.79
CA ALA B 62 -1.99 -7.63 -13.92
C ALA B 62 -3.42 -7.99 -14.24
N GLY B 63 -4.22 -7.01 -14.63
CA GLY B 63 -5.61 -7.30 -14.95
C GLY B 63 -5.80 -7.92 -16.31
N ARG B 64 -4.92 -7.60 -17.25
CA ARG B 64 -5.00 -8.18 -18.62
C ARG B 64 -4.40 -9.59 -18.59
N ALA B 65 -3.29 -9.78 -17.86
CA ALA B 65 -2.66 -11.12 -17.74
C ALA B 65 -3.55 -12.02 -16.90
N ASN B 66 -4.56 -11.45 -16.23
CA ASN B 66 -5.50 -12.25 -15.40
C ASN B 66 -4.84 -12.63 -14.07
N VAL B 67 -3.72 -11.99 -13.72
CA VAL B 67 -3.08 -12.24 -12.40
C VAL B 67 -4.11 -11.90 -11.33
N ILE B 68 -4.84 -10.80 -11.52
CA ILE B 68 -5.93 -10.42 -10.56
C ILE B 68 -7.23 -10.28 -11.36
N THR B 69 -8.25 -11.07 -11.03
CA THR B 69 -9.53 -11.04 -11.80
C THR B 69 -10.35 -9.81 -11.41
N SER B 70 -11.48 -9.59 -12.09
CA SER B 70 -12.32 -8.44 -11.82
C SER B 70 -12.98 -8.55 -10.45
N THR B 71 -13.38 -9.75 -10.06
CA THR B 71 -13.90 -9.94 -8.71
C THR B 71 -12.80 -9.81 -7.66
N GLN B 72 -11.57 -10.19 -7.99
CA GLN B 72 -10.52 -10.05 -6.99
C GLN B 72 -10.04 -8.62 -6.87
N ALA B 73 -10.21 -7.81 -7.90
CA ALA B 73 -9.75 -6.44 -7.79
C ALA B 73 -10.57 -5.65 -6.80
N LYS B 74 -11.78 -6.13 -6.51
CA LYS B 74 -12.68 -5.43 -5.55
C LYS B 74 -11.99 -5.32 -4.19
N GLY B 75 -11.29 -6.37 -3.76
CA GLY B 75 -10.64 -6.37 -2.44
C GLY B 75 -9.65 -5.22 -2.30
N LEU B 76 -8.79 -5.04 -3.30
CA LEU B 76 -7.81 -3.92 -3.28
C LEU B 76 -8.57 -2.59 -3.24
N GLY B 77 -9.62 -2.46 -4.05
CA GLY B 77 -10.41 -1.22 -4.08
C GLY B 77 -11.02 -0.91 -2.72
N ASN B 78 -11.60 -1.92 -2.06
CA ASN B 78 -12.25 -1.72 -0.74
C ASN B 78 -11.18 -1.27 0.28
N PHE B 79 -10.03 -1.92 0.28
CA PHE B 79 -8.96 -1.58 1.25
C PHE B 79 -8.52 -0.14 1.03
N VAL B 80 -8.33 0.26 -0.23
CA VAL B 80 -7.84 1.63 -0.54
C VAL B 80 -8.93 2.66 -0.24
N SER B 81 -10.19 2.34 -0.52
CA SER B 81 -11.28 3.34 -0.36
C SER B 81 -11.77 3.42 1.10
N ARG B 82 -11.82 2.29 1.82
CA ARG B 82 -12.42 2.31 3.18
C ARG B 82 -11.33 2.34 4.27
N PHE B 83 -10.05 2.27 3.90
CA PHE B 83 -8.99 2.20 4.95
C PHE B 83 -7.82 3.11 4.58
N ALA B 84 -7.12 2.82 3.48
CA ALA B 84 -5.93 3.60 3.10
C ALA B 84 -6.31 5.08 2.88
N LEU B 85 -7.41 5.34 2.17
CA LEU B 85 -7.79 6.74 1.85
C LEU B 85 -8.23 7.47 3.14
N PRO B 86 -9.25 7.00 3.88
CA PRO B 86 -9.68 7.64 5.13
C PRO B 86 -8.55 7.96 6.07
N ALA B 87 -7.61 7.05 6.26
CA ALA B 87 -6.48 7.31 7.13
C ALA B 87 -5.63 8.45 6.63
N LEU B 88 -5.35 8.47 5.33
CA LEU B 88 -4.55 9.54 4.74
C LEU B 88 -5.21 10.90 4.91
N LEU B 89 -6.50 10.98 4.57
CA LEU B 89 -7.25 12.22 4.69
C LEU B 89 -7.33 12.70 6.13
N PHE B 90 -7.69 11.80 7.05
CA PHE B 90 -7.73 12.15 8.47
C PHE B 90 -6.42 12.72 8.92
N LYS B 91 -5.34 12.00 8.71
CA LYS B 91 -4.04 12.45 9.16
C LYS B 91 -3.68 13.80 8.58
N ASN B 92 -3.98 14.03 7.31
CA ASN B 92 -3.54 15.28 6.71
C ASN B 92 -4.42 16.44 7.15
N MET B 93 -5.69 16.19 7.43
CA MET B 93 -6.55 17.24 7.91
C MET B 93 -6.22 17.64 9.33
N VAL B 94 -5.85 16.65 10.16
CA VAL B 94 -5.57 16.91 11.57
C VAL B 94 -4.37 17.82 11.74
N VAL B 95 -3.37 17.68 10.87
CA VAL B 95 -2.11 18.47 11.03
C VAL B 95 -2.22 19.80 10.28
N LEU B 96 -3.19 19.93 9.36
CA LEU B 96 -3.30 21.16 8.54
C LEU B 96 -3.41 22.38 9.46
N ASN B 97 -2.49 23.34 9.33
CA ASN B 97 -2.49 24.54 10.21
C ASN B 97 -3.80 25.31 10.04
N PHE B 98 -4.24 25.52 8.79
CA PHE B 98 -5.51 26.23 8.51
C PHE B 98 -5.35 27.72 8.84
N SER B 99 -4.17 28.11 9.31
CA SER B 99 -3.90 29.54 9.62
C SER B 99 -2.82 30.08 8.68
N ASN B 100 -2.30 29.24 7.79
CA ASN B 100 -1.28 29.67 6.80
C ASN B 100 -1.71 29.20 5.41
N VAL B 101 -3.03 29.07 5.20
CA VAL B 101 -3.55 28.57 3.89
C VAL B 101 -3.95 29.75 3.00
N ASP B 102 -3.41 29.82 1.78
CA ASP B 102 -3.80 30.88 0.83
C ASP B 102 -5.21 30.58 0.30
N TRP B 103 -6.23 31.00 1.04
CA TRP B 103 -7.63 30.72 0.63
C TRP B 103 -7.90 31.38 -0.73
N SER B 104 -7.21 32.47 -1.04
CA SER B 104 -7.37 33.15 -2.36
C SER B 104 -7.02 32.16 -3.48
N PHE B 105 -5.90 31.43 -3.32
CA PHE B 105 -5.52 30.42 -4.35
C PHE B 105 -6.61 29.35 -4.42
N LEU B 106 -7.09 28.88 -3.27
CA LEU B 106 -8.18 27.88 -3.24
C LEU B 106 -9.43 28.49 -3.86
N TYR B 107 -9.77 29.73 -3.48
CA TYR B 107 -10.93 30.40 -4.05
C TYR B 107 -10.86 30.41 -5.55
N SER B 108 -9.68 30.60 -6.09
CA SER B 108 -9.55 30.74 -7.53
C SER B 108 -9.64 29.39 -8.22
N ILE B 109 -9.19 28.32 -7.57
CA ILE B 109 -9.42 26.99 -8.15
C ILE B 109 -10.90 26.62 -8.08
N LEU B 110 -11.54 26.90 -6.96
CA LEU B 110 -12.95 26.58 -6.83
C LEU B 110 -13.79 27.38 -7.81
N ILE B 111 -13.40 28.62 -8.07
CA ILE B 111 -14.09 29.44 -9.05
C ILE B 111 -13.91 28.90 -10.46
N ALA B 112 -12.69 28.52 -10.83
CA ALA B 112 -12.51 27.92 -12.14
C ALA B 112 -13.34 26.66 -12.32
N LYS B 113 -13.44 25.82 -11.29
CA LYS B 113 -14.22 24.60 -11.44
C LYS B 113 -15.71 24.88 -11.48
N ALA B 114 -16.17 25.84 -10.68
CA ALA B 114 -17.54 26.30 -10.79
C ALA B 114 -17.86 26.75 -12.21
N SER B 115 -16.92 27.47 -12.84
CA SER B 115 -17.14 27.99 -14.18
C SER B 115 -17.21 26.88 -15.22
N VAL B 116 -16.31 25.92 -15.14
CA VAL B 116 -16.37 24.80 -16.08
C VAL B 116 -17.62 23.96 -15.85
N PHE B 117 -17.99 23.73 -14.59
CA PHE B 117 -19.20 22.99 -14.28
C PHE B 117 -20.41 23.67 -14.88
N PHE B 118 -20.49 24.99 -14.75
CA PHE B 118 -21.65 25.71 -15.25
C PHE B 118 -21.72 25.65 -16.76
N ILE B 119 -20.58 25.89 -17.41
CA ILE B 119 -20.53 25.86 -18.91
C ILE B 119 -20.99 24.49 -19.40
N VAL B 120 -20.32 23.42 -18.96
CA VAL B 120 -20.63 22.05 -19.46
C VAL B 120 -22.10 21.72 -19.18
N CYS B 121 -22.56 21.94 -17.94
CA CYS B 121 -23.95 21.57 -17.58
C CYS B 121 -24.95 22.30 -18.50
N VAL B 122 -24.76 23.60 -18.68
CA VAL B 122 -25.70 24.40 -19.51
C VAL B 122 -25.67 23.87 -20.94
N LEU B 123 -24.48 23.65 -21.50
CA LEU B 123 -24.35 23.18 -22.90
C LEU B 123 -25.05 21.82 -23.05
N THR B 124 -24.87 20.93 -22.07
CA THR B 124 -25.50 19.59 -22.12
C THR B 124 -27.03 19.75 -22.09
N LEU B 125 -27.54 20.62 -21.22
CA LEU B 125 -29.00 20.83 -21.08
C LEU B 125 -29.55 21.52 -22.34
N LEU B 126 -28.66 22.05 -23.19
CA LEU B 126 -29.11 22.81 -24.39
C LEU B 126 -29.08 21.92 -25.64
N VAL B 127 -28.28 20.88 -25.65
CA VAL B 127 -28.15 20.06 -26.86
C VAL B 127 -28.52 18.59 -26.65
N ALA B 128 -28.56 18.13 -25.40
CA ALA B 128 -28.89 16.72 -25.13
C ALA B 128 -30.40 16.49 -25.31
N SER B 129 -30.78 15.37 -25.90
CA SER B 129 -32.21 15.01 -26.05
C SER B 129 -32.86 15.00 -24.67
N PRO B 130 -34.14 15.41 -24.52
CA PRO B 130 -34.77 15.50 -23.20
C PRO B 130 -34.67 14.21 -22.38
N ASP B 131 -34.70 13.05 -23.05
CA ASP B 131 -34.69 11.75 -22.31
C ASP B 131 -33.46 11.63 -21.42
N SER B 132 -32.27 11.94 -21.96
CA SER B 132 -31.02 11.76 -21.17
C SER B 132 -30.45 13.13 -20.77
N ARG B 133 -31.21 14.20 -20.95
CA ARG B 133 -30.70 15.57 -20.66
C ARG B 133 -30.28 15.67 -19.19
N PHE B 134 -31.14 15.22 -18.25
CA PHE B 134 -30.84 15.35 -16.81
C PHE B 134 -29.64 14.50 -16.44
N SER B 135 -29.59 13.25 -16.92
CA SER B 135 -28.46 12.33 -16.61
C SER B 135 -27.15 12.92 -17.14
N LYS B 136 -27.18 13.48 -18.35
CA LYS B 136 -25.97 14.01 -18.95
C LYS B 136 -25.58 15.33 -18.33
N ALA B 137 -26.54 16.21 -18.08
CA ALA B 137 -26.29 17.43 -17.36
C ALA B 137 -25.84 17.20 -15.93
N GLY B 138 -26.20 16.07 -15.34
CA GLY B 138 -25.69 15.74 -14.04
C GLY B 138 -24.29 15.19 -14.01
N LEU B 139 -24.01 14.20 -14.86
CA LEU B 139 -22.68 13.52 -14.79
C LEU B 139 -21.63 14.30 -15.60
N PHE B 140 -22.01 14.79 -16.78
CA PHE B 140 -21.00 15.47 -17.65
C PHE B 140 -20.17 16.45 -16.82
N PRO B 141 -20.76 17.48 -16.16
CA PRO B 141 -19.95 18.48 -15.46
C PRO B 141 -19.21 17.96 -14.26
N ILE B 142 -19.68 16.87 -13.66
CA ILE B 142 -18.88 16.19 -12.65
C ILE B 142 -17.64 15.58 -13.29
N PHE B 143 -17.79 14.94 -14.44
CA PHE B 143 -16.67 14.45 -15.23
C PHE B 143 -15.66 15.53 -15.55
N ALA B 144 -16.10 16.68 -15.98
CA ALA B 144 -15.23 17.76 -16.41
C ALA B 144 -14.55 18.47 -15.25
N THR B 145 -15.03 18.32 -14.02
CA THR B 145 -14.36 19.05 -12.95
C THR B 145 -13.67 18.20 -11.89
N GLN B 146 -14.14 16.99 -11.61
CA GLN B 146 -13.60 16.17 -10.53
C GLN B 146 -12.37 15.41 -11.00
N SER B 147 -11.24 15.62 -10.35
CA SER B 147 -9.97 15.12 -10.86
C SER B 147 -9.29 14.19 -9.87
N ASN B 148 -8.30 13.46 -10.38
CA ASN B 148 -7.62 12.41 -9.63
C ASN B 148 -6.50 13.04 -8.83
N ASP B 149 -6.89 13.64 -7.71
CA ASP B 149 -6.01 14.47 -6.89
C ASP B 149 -5.19 13.67 -5.89
N PHE B 150 -5.75 12.64 -5.31
CA PHE B 150 -5.02 11.93 -4.28
C PHE B 150 -4.07 10.91 -4.87
N ALA B 151 -4.54 10.06 -5.77
CA ALA B 151 -3.69 9.04 -6.36
C ALA B 151 -2.66 9.60 -7.32
N LEU B 152 -3.08 10.40 -8.30
CA LEU B 152 -2.12 10.89 -9.27
C LEU B 152 -1.61 12.29 -8.97
N GLY B 153 -2.45 13.21 -8.53
CA GLY B 153 -2.02 14.57 -8.37
C GLY B 153 -0.94 14.75 -7.33
N TYR B 154 -1.09 14.08 -6.19
CA TYR B 154 -0.23 14.36 -5.05
C TYR B 154 1.23 13.95 -5.23
N PRO B 155 1.57 12.81 -5.83
CA PRO B 155 2.98 12.55 -6.11
C PRO B 155 3.61 13.55 -7.08
N ILE B 156 2.87 14.01 -8.07
CA ILE B 156 3.43 14.97 -9.01
C ILE B 156 3.68 16.29 -8.34
N VAL B 157 2.73 16.74 -7.53
CA VAL B 157 2.90 17.97 -6.79
C VAL B 157 4.06 17.85 -5.83
N GLU B 158 4.17 16.71 -5.18
CA GLU B 158 5.23 16.49 -4.22
C GLU B 158 6.60 16.52 -4.89
N ALA B 159 6.73 15.92 -6.07
CA ALA B 159 7.97 15.98 -6.80
C ALA B 159 8.31 17.40 -7.24
N LEU B 160 7.35 18.11 -7.81
CA LEU B 160 7.64 19.44 -8.31
C LEU B 160 7.89 20.47 -7.21
N TYR B 161 7.39 20.26 -6.00
CA TYR B 161 7.26 21.36 -5.07
C TYR B 161 7.74 21.11 -3.66
N GLN B 162 7.97 19.87 -3.23
CA GLN B 162 8.23 19.63 -1.81
C GLN B 162 9.48 20.32 -1.31
N THR B 163 10.35 20.72 -2.22
CA THR B 163 11.59 21.44 -1.83
C THR B 163 11.38 22.94 -1.98
N THR B 164 10.76 23.38 -3.08
CA THR B 164 10.58 24.83 -3.35
C THR B 164 9.35 25.35 -2.59
N TYR B 165 8.18 24.72 -2.77
CA TYR B 165 6.93 25.21 -2.14
C TYR B 165 6.17 24.03 -1.52
N PRO B 166 6.59 23.51 -0.35
CA PRO B 166 5.88 22.42 0.32
C PRO B 166 4.46 22.87 0.69
N GLU B 167 4.25 24.19 0.82
CA GLU B 167 2.90 24.73 1.16
C GLU B 167 1.91 24.37 0.06
N TYR B 168 2.41 24.13 -1.16
CA TYR B 168 1.53 23.80 -2.31
C TYR B 168 0.86 22.44 -2.07
N LEU B 169 1.56 21.52 -1.40
CA LEU B 169 1.02 20.15 -1.21
C LEU B 169 -0.30 20.16 -0.44
N GLN B 170 -0.38 20.91 0.67
CA GLN B 170 -1.60 20.92 1.52
C GLN B 170 -2.86 21.21 0.69
N TYR B 171 -2.72 21.96 -0.41
CA TYR B 171 -3.92 22.36 -1.21
C TYR B 171 -4.65 21.12 -1.73
N ILE B 172 -3.92 20.07 -2.12
CA ILE B 172 -4.54 18.83 -2.66
C ILE B 172 -5.67 18.39 -1.72
N TYR B 173 -5.44 18.45 -0.40
CA TYR B 173 -6.42 18.00 0.56
C TYR B 173 -7.47 19.04 0.87
N LEU B 174 -7.32 20.26 0.39
CA LEU B 174 -8.38 21.27 0.48
C LEU B 174 -9.24 21.31 -0.76
N VAL B 175 -8.61 21.44 -1.92
CA VAL B 175 -9.35 21.61 -3.17
C VAL B 175 -10.24 20.42 -3.45
N ALA B 176 -9.70 19.22 -3.41
CA ALA B 176 -10.46 18.06 -3.84
C ALA B 176 -11.72 17.83 -3.02
N PRO B 177 -11.69 17.76 -1.69
CA PRO B 177 -12.94 17.62 -0.96
C PRO B 177 -13.84 18.83 -1.03
N ILE B 178 -13.31 20.05 -0.95
CA ILE B 178 -14.23 21.18 -1.05
C ILE B 178 -14.98 21.15 -2.39
N SER B 179 -14.31 20.77 -3.46
CA SER B 179 -14.97 20.70 -4.76
C SER B 179 -16.02 19.62 -4.80
N LEU B 180 -15.70 18.43 -4.27
CA LEU B 180 -16.71 17.39 -4.12
C LEU B 180 -17.96 17.93 -3.45
N MET B 181 -17.79 18.57 -2.30
CA MET B 181 -18.92 19.09 -1.53
C MET B 181 -19.69 20.15 -2.29
N MET B 182 -19.01 21.04 -2.98
CA MET B 182 -19.67 22.19 -3.59
C MET B 182 -20.42 21.80 -4.84
N LEU B 183 -19.81 20.98 -5.69
CA LEU B 183 -20.34 20.80 -7.02
C LEU B 183 -21.01 19.47 -7.23
N ASN B 184 -20.59 18.41 -6.55
CA ASN B 184 -21.25 17.13 -6.78
C ASN B 184 -22.74 17.13 -6.41
N PRO B 185 -23.20 17.77 -5.32
CA PRO B 185 -24.64 17.77 -5.06
C PRO B 185 -25.49 18.26 -6.19
N ILE B 186 -25.06 19.28 -6.93
CA ILE B 186 -25.80 19.78 -8.06
C ILE B 186 -25.93 18.72 -9.13
N GLY B 187 -24.85 18.01 -9.43
CA GLY B 187 -24.93 16.98 -10.42
C GLY B 187 -25.78 15.81 -9.98
N PHE B 188 -25.60 15.35 -8.75
CA PHE B 188 -26.45 14.28 -8.25
C PHE B 188 -27.90 14.71 -8.22
N ILE B 189 -28.17 16.00 -8.09
CA ILE B 189 -29.54 16.45 -8.11
C ILE B 189 -30.13 16.29 -9.50
N PHE B 190 -29.36 16.63 -10.53
CA PHE B 190 -29.83 16.38 -11.88
C PHE B 190 -30.05 14.89 -12.13
N CYS B 191 -29.18 14.04 -11.61
CA CYS B 191 -29.34 12.60 -11.82
C CYS B 191 -30.57 12.06 -11.12
N GLU B 192 -30.85 12.51 -9.91
CA GLU B 192 -32.09 12.15 -9.22
C GLU B 192 -33.30 12.70 -9.93
N ILE B 193 -33.23 13.93 -10.42
CA ILE B 193 -34.30 14.48 -11.24
C ILE B 193 -34.59 13.58 -12.42
N GLN B 194 -33.54 13.00 -13.02
CA GLN B 194 -33.73 12.08 -14.14
C GLN B 194 -34.37 10.77 -13.69
N LYS B 195 -33.80 10.16 -12.65
CA LYS B 195 -34.37 8.89 -12.12
C LYS B 195 -35.89 9.06 -11.98
N TRP B 196 -36.33 10.21 -11.47
CA TRP B 196 -37.78 10.46 -11.28
C TRP B 196 -38.51 10.34 -12.62
N LYS B 197 -37.94 10.93 -13.68
CA LYS B 197 -38.56 10.84 -15.02
C LYS B 197 -38.61 9.37 -15.46
N ASP B 198 -37.51 8.64 -15.21
CA ASP B 198 -37.46 7.20 -15.59
C ASP B 198 -38.56 6.45 -14.82
N THR B 199 -38.69 6.72 -13.52
CA THR B 199 -39.76 6.08 -12.70
C THR B 199 -41.12 6.66 -13.13
N GLN B 200 -41.12 7.85 -13.72
CA GLN B 200 -42.39 8.51 -14.12
C GLN B 200 -43.30 8.59 -12.90
N ASN B 201 -42.72 8.72 -11.71
CA ASN B 201 -43.52 8.82 -10.46
C ASN B 201 -44.45 10.02 -10.55
N ALA B 202 -45.77 9.79 -10.45
CA ALA B 202 -46.75 10.90 -10.53
C ALA B 202 -46.50 11.90 -9.40
N SER B 203 -46.10 11.41 -8.22
CA SER B 203 -45.84 12.28 -7.05
C SER B 203 -44.62 13.17 -7.34
N GLN B 204 -44.43 14.22 -6.55
CA GLN B 204 -43.25 15.12 -6.72
C GLN B 204 -42.58 15.32 -5.36
N ASN B 205 -41.26 15.16 -5.28
CA ASN B 205 -40.53 15.32 -4.00
C ASN B 205 -39.29 16.19 -4.23
N LYS B 206 -39.49 17.47 -4.56
CA LYS B 206 -38.34 18.36 -4.88
C LYS B 206 -37.36 18.37 -3.70
N ILE B 207 -37.87 18.59 -2.49
CA ILE B 207 -37.00 18.59 -1.27
C ILE B 207 -36.32 17.22 -1.16
N LYS B 208 -37.12 16.15 -1.26
CA LYS B 208 -36.56 14.80 -1.16
C LYS B 208 -35.49 14.58 -2.22
N ILE B 209 -35.73 15.06 -3.45
CA ILE B 209 -34.71 14.95 -4.48
C ILE B 209 -33.43 15.64 -4.05
N VAL B 210 -33.58 16.81 -3.39
CA VAL B 210 -32.41 17.59 -3.00
C VAL B 210 -31.70 16.95 -1.81
N GLY B 211 -32.45 16.34 -0.91
CA GLY B 211 -31.81 15.62 0.18
C GLY B 211 -31.15 14.34 -0.28
N LEU B 212 -31.66 13.73 -1.33
CA LEU B 212 -31.01 12.54 -1.88
C LEU B 212 -29.68 12.89 -2.49
N GLY B 213 -29.63 14.02 -3.21
CA GLY B 213 -28.36 14.51 -3.71
C GLY B 213 -27.34 14.81 -2.62
N LEU B 214 -27.74 15.61 -1.62
CA LEU B 214 -26.76 15.93 -0.56
C LEU B 214 -26.40 14.73 0.28
N LEU B 215 -27.33 13.82 0.49
CA LEU B 215 -27.02 12.60 1.21
C LEU B 215 -26.00 11.77 0.48
N ARG B 216 -26.13 11.65 -0.84
CA ARG B 216 -25.12 10.93 -1.59
C ARG B 216 -23.77 11.57 -1.42
N VAL B 217 -23.73 12.89 -1.32
CA VAL B 217 -22.44 13.56 -1.14
C VAL B 217 -21.86 13.30 0.25
N LEU B 218 -22.70 13.28 1.28
CA LEU B 218 -22.19 13.25 2.65
C LEU B 218 -21.68 11.88 3.03
N GLN B 219 -22.06 10.85 2.30
CA GLN B 219 -21.57 9.51 2.56
C GLN B 219 -20.26 9.21 1.86
N ASN B 220 -19.75 10.12 1.08
CA ASN B 220 -18.45 9.93 0.49
C ASN B 220 -17.38 10.10 1.56
N PRO B 221 -16.52 9.10 1.76
CA PRO B 221 -15.46 9.23 2.77
C PRO B 221 -14.59 10.46 2.61
N ILE B 222 -14.30 10.89 1.40
CA ILE B 222 -13.55 12.13 1.21
C ILE B 222 -14.21 13.31 1.89
N VAL B 223 -15.52 13.26 2.08
CA VAL B 223 -16.24 14.34 2.74
C VAL B 223 -16.31 14.13 4.25
N PHE B 224 -16.84 13.00 4.72
CA PHE B 224 -17.03 12.90 6.16
C PHE B 224 -15.71 12.67 6.88
N MET B 225 -14.71 12.15 6.19
CA MET B 225 -13.41 11.97 6.83
C MET B 225 -12.69 13.30 6.94
N VAL B 226 -12.92 14.19 5.98
CA VAL B 226 -12.33 15.51 6.08
C VAL B 226 -13.04 16.31 7.15
N PHE B 227 -14.34 16.07 7.35
CA PHE B 227 -15.07 16.66 8.47
C PHE B 227 -14.49 16.22 9.81
N ILE B 228 -14.40 14.91 10.02
CA ILE B 228 -13.83 14.36 11.25
C ILE B 228 -12.42 14.85 11.45
N GLY B 229 -11.64 14.92 10.38
CA GLY B 229 -10.27 15.36 10.50
C GLY B 229 -10.12 16.80 10.93
N ILE B 230 -11.03 17.67 10.50
CA ILE B 230 -10.96 19.07 10.92
C ILE B 230 -11.48 19.25 12.34
N ALA B 231 -12.55 18.55 12.69
CA ALA B 231 -12.97 18.47 14.09
C ALA B 231 -11.80 18.12 14.99
N PHE B 232 -11.02 17.11 14.61
CA PHE B 232 -9.90 16.72 15.44
C PHE B 232 -8.69 17.60 15.26
N ASN B 233 -8.58 18.32 14.16
CA ASN B 233 -7.61 19.38 14.04
C ASN B 233 -7.79 20.36 15.18
N PHE B 234 -9.03 20.63 15.54
CA PHE B 234 -9.26 21.60 16.60
C PHE B 234 -9.17 20.96 17.96
N ILE B 235 -9.77 19.78 18.11
CA ILE B 235 -9.73 19.04 19.40
C ILE B 235 -8.28 18.67 19.73
N LEU B 236 -7.61 17.94 18.84
CA LEU B 236 -6.22 17.47 19.11
C LEU B 236 -5.24 18.65 18.99
N ASP B 237 -5.74 19.83 18.65
CA ASP B 237 -4.88 21.03 18.50
C ASP B 237 -3.84 20.77 17.40
N ARG B 238 -4.22 20.07 16.33
CA ARG B 238 -3.30 19.83 15.19
C ARG B 238 -2.16 18.89 15.63
N LYS B 239 -2.39 18.11 16.67
CA LYS B 239 -1.35 17.17 17.17
C LYS B 239 -1.90 15.73 17.12
N VAL B 240 -1.51 14.96 16.11
CA VAL B 240 -1.95 13.53 16.01
C VAL B 240 -1.43 12.80 17.25
N PRO B 241 -2.27 12.03 17.98
CA PRO B 241 -1.80 11.26 19.13
C PRO B 241 -0.61 10.38 18.71
N VAL B 242 0.50 10.46 19.46
CA VAL B 242 1.72 9.68 19.10
C VAL B 242 1.36 8.20 18.99
N TYR B 243 0.60 7.67 19.96
CA TYR B 243 0.28 6.26 19.94
C TYR B 243 -0.39 5.82 18.65
N VAL B 244 -1.23 6.69 18.07
CA VAL B 244 -1.91 6.31 16.83
C VAL B 244 -1.18 6.79 15.60
N GLU B 245 -0.06 7.48 15.76
CA GLU B 245 0.62 8.13 14.67
C GLU B 245 1.21 7.13 13.71
N ASN B 246 1.82 6.06 14.21
CA ASN B 246 2.38 5.05 13.33
C ASN B 246 1.28 4.32 12.60
N PHE B 247 0.17 4.08 13.26
CA PHE B 247 -0.95 3.42 12.61
C PHE B 247 -1.50 4.27 11.47
N LEU B 248 -1.60 5.58 11.69
CA LEU B 248 -2.14 6.47 10.69
C LEU B 248 -1.18 6.61 9.52
N ASP B 249 0.11 6.75 9.82
CA ASP B 249 1.10 6.81 8.76
C ASP B 249 1.17 5.51 7.99
N GLY B 250 1.06 4.38 8.66
CA GLY B 250 1.18 3.12 7.96
C GLY B 250 -0.01 2.83 7.08
N LEU B 251 -1.19 3.23 7.51
CA LEU B 251 -2.36 3.03 6.67
C LEU B 251 -2.41 4.03 5.54
N GLY B 252 -2.00 5.27 5.78
CA GLY B 252 -2.08 6.27 4.74
C GLY B 252 -0.91 6.23 3.77
N ASN B 253 0.22 5.70 4.21
CA ASN B 253 1.35 5.52 3.32
C ASN B 253 1.13 4.41 2.33
N SER B 254 0.16 3.57 2.53
CA SER B 254 -0.13 2.53 1.58
C SER B 254 -1.21 2.92 0.60
N PHE B 255 -1.69 4.16 0.65
CA PHE B 255 -2.75 4.56 -0.26
C PHE B 255 -2.26 4.72 -1.69
N SER B 256 -1.09 5.34 -1.86
CA SER B 256 -0.71 5.81 -3.20
C SER B 256 -0.47 4.68 -4.16
N GLY B 257 0.45 3.78 -3.83
CA GLY B 257 0.74 2.67 -4.71
C GLY B 257 -0.45 1.78 -4.93
N SER B 258 -1.19 1.49 -3.87
CA SER B 258 -2.32 0.59 -4.00
C SER B 258 -3.42 1.19 -4.85
N ALA B 259 -3.61 2.51 -4.75
CA ALA B 259 -4.64 3.19 -5.51
C ALA B 259 -4.27 3.32 -6.98
N LEU B 260 -3.00 3.59 -7.26
CA LEU B 260 -2.55 3.61 -8.65
C LEU B 260 -2.63 2.25 -9.29
N PHE B 261 -2.27 1.20 -8.57
CA PHE B 261 -2.42 -0.15 -9.08
C PHE B 261 -3.87 -0.50 -9.33
N TYR B 262 -4.76 -0.17 -8.40
CA TYR B 262 -6.17 -0.43 -8.59
C TYR B 262 -6.74 0.35 -9.76
N LEU B 263 -6.32 1.60 -9.93
CA LEU B 263 -6.64 2.36 -11.13
C LEU B 263 -6.29 1.58 -12.38
N GLY B 264 -5.05 1.12 -12.51
CA GLY B 264 -4.69 0.30 -13.65
C GLY B 264 -5.59 -0.90 -13.87
N LEU B 265 -5.96 -1.59 -12.81
CA LEU B 265 -6.82 -2.76 -12.92
C LEU B 265 -8.21 -2.41 -13.44
N THR B 266 -8.71 -1.23 -13.14
CA THR B 266 -10.07 -0.92 -13.53
C THR B 266 -10.16 -0.35 -14.93
N MET B 267 -9.01 -0.06 -15.55
CA MET B 267 -8.99 0.45 -16.95
C MET B 267 -8.89 -0.72 -17.94
N VAL B 268 -9.03 -1.97 -17.45
CA VAL B 268 -8.95 -3.14 -18.30
C VAL B 268 -10.31 -3.36 -18.94
N GLY B 269 -10.35 -3.27 -20.26
CA GLY B 269 -11.55 -3.61 -20.98
C GLY B 269 -12.63 -2.56 -20.98
N LYS B 270 -12.31 -1.33 -20.65
CA LYS B 270 -13.33 -0.33 -20.44
C LYS B 270 -13.67 0.48 -21.69
N ILE B 271 -12.77 0.57 -22.65
CA ILE B 271 -13.02 1.36 -23.85
C ILE B 271 -13.86 0.48 -24.78
N LYS B 272 -15.14 0.78 -24.85
CA LYS B 272 -16.00 0.04 -25.76
C LYS B 272 -16.21 0.85 -27.03
N ARG B 273 -16.68 0.15 -28.06
CA ARG B 273 -16.92 0.79 -29.34
C ARG B 273 -18.06 1.78 -29.22
N LEU B 274 -17.73 3.07 -29.32
CA LEU B 274 -18.77 4.13 -29.19
C LEU B 274 -19.04 4.73 -30.57
N LYS B 275 -20.24 5.28 -30.76
CA LYS B 275 -20.60 5.93 -32.05
C LYS B 275 -19.81 7.24 -32.18
N LYS B 276 -19.64 7.73 -33.41
CA LYS B 276 -18.87 8.98 -33.64
C LYS B 276 -19.47 10.09 -32.77
N SER B 277 -20.81 10.18 -32.74
CA SER B 277 -21.48 11.19 -31.88
C SER B 277 -20.92 11.10 -30.46
N ALA B 278 -21.04 9.92 -29.84
CA ALA B 278 -20.54 9.76 -28.48
C ALA B 278 -19.03 9.89 -28.42
N PHE B 279 -18.37 9.81 -29.55
CA PHE B 279 -16.93 10.01 -29.62
C PHE B 279 -16.56 11.48 -29.67
N VAL B 280 -17.40 12.30 -30.28
CA VAL B 280 -17.23 13.75 -30.23
C VAL B 280 -17.50 14.29 -28.84
N VAL B 281 -18.55 13.79 -28.20
CA VAL B 281 -18.84 14.14 -26.82
C VAL B 281 -17.63 13.89 -25.94
N LEU B 282 -16.96 12.77 -26.11
CA LEU B 282 -15.83 12.46 -25.26
C LEU B 282 -14.69 13.44 -25.48
N ILE B 283 -14.40 13.77 -26.73
CA ILE B 283 -13.33 14.71 -27.02
C ILE B 283 -13.63 16.05 -26.38
N LEU B 284 -14.88 16.49 -26.43
CA LEU B 284 -15.25 17.75 -25.81
C LEU B 284 -15.13 17.71 -24.29
N LEU B 285 -15.56 16.58 -23.71
CA LEU B 285 -15.55 16.46 -22.22
C LEU B 285 -14.09 16.45 -21.73
N ILE B 286 -13.24 15.63 -22.34
CA ILE B 286 -11.82 15.51 -21.88
C ILE B 286 -11.10 16.85 -22.09
N THR B 287 -11.36 17.53 -23.20
CA THR B 287 -10.70 18.83 -23.49
C THR B 287 -11.04 19.83 -22.38
N ALA B 288 -12.30 19.85 -21.94
CA ALA B 288 -12.73 20.81 -20.89
C ALA B 288 -11.92 20.57 -19.60
N LYS B 289 -11.69 19.30 -19.26
CA LYS B 289 -10.97 18.97 -18.00
C LYS B 289 -9.46 19.11 -18.16
N LEU B 290 -8.92 18.80 -19.35
CA LEU B 290 -7.43 18.80 -19.52
C LEU B 290 -6.94 20.10 -20.17
N LEU B 291 -7.85 20.99 -20.58
CA LEU B 291 -7.41 22.23 -21.30
C LEU B 291 -8.14 23.44 -20.72
N VAL B 292 -9.47 23.50 -20.87
CA VAL B 292 -10.25 24.68 -20.41
C VAL B 292 -10.00 24.90 -18.91
N LEU B 293 -10.13 23.85 -18.10
CA LEU B 293 -9.97 24.00 -16.62
C LEU B 293 -8.55 24.48 -16.29
N PRO B 294 -7.48 23.84 -16.80
CA PRO B 294 -6.11 24.31 -16.56
C PRO B 294 -5.95 25.80 -16.90
N LEU B 295 -6.47 26.21 -18.06
CA LEU B 295 -6.35 27.63 -18.50
C LEU B 295 -7.15 28.52 -17.53
N LEU B 296 -8.39 28.14 -17.23
CA LEU B 296 -9.21 28.91 -16.31
C LEU B 296 -8.60 29.00 -14.92
N CYS B 297 -8.07 27.89 -14.41
CA CYS B 297 -7.45 27.91 -13.10
C CYS B 297 -6.32 28.91 -13.08
N ARG B 298 -5.47 28.87 -14.09
CA ARG B 298 -4.36 29.80 -14.13
C ARG B 298 -4.81 31.23 -14.31
N GLU B 299 -5.85 31.47 -15.10
CA GLU B 299 -6.33 32.83 -15.26
C GLU B 299 -6.96 33.37 -14.00
N MET B 300 -7.70 32.51 -13.30
CA MET B 300 -8.36 32.92 -12.03
C MET B 300 -7.27 33.34 -11.02
N VAL B 301 -6.23 32.52 -10.87
CA VAL B 301 -5.16 32.83 -9.88
C VAL B 301 -4.59 34.21 -10.20
N GLU B 302 -4.11 34.41 -11.43
CA GLU B 302 -3.50 35.71 -11.80
C GLU B 302 -4.53 36.83 -11.60
N LEU B 303 -5.81 36.53 -11.86
CA LEU B 303 -6.87 37.57 -11.77
C LEU B 303 -7.06 38.01 -10.31
N LEU B 304 -7.11 37.08 -9.36
CA LEU B 304 -7.41 37.45 -7.95
C LEU B 304 -6.19 37.24 -7.04
N ASP B 305 -5.00 37.08 -7.60
CA ASP B 305 -3.77 36.97 -6.76
C ASP B 305 -2.92 38.22 -6.98
N LYS B 306 -2.68 39.01 -5.93
CA LYS B 306 -1.94 40.29 -6.09
C LYS B 306 -0.73 40.32 -5.17
N GLY B 307 -0.26 39.16 -4.71
CA GLY B 307 0.93 39.11 -3.88
C GLY B 307 2.09 39.90 -4.47
N ASP B 308 2.95 40.41 -3.59
CA ASP B 308 3.97 41.37 -4.03
C ASP B 308 5.25 40.70 -4.50
N SER B 309 5.36 39.39 -4.39
CA SER B 309 6.44 38.70 -5.07
C SER B 309 6.03 38.51 -6.52
N VAL B 310 6.99 38.59 -7.44
CA VAL B 310 6.68 38.28 -8.82
C VAL B 310 6.91 36.81 -9.08
N VAL B 311 7.98 36.26 -8.50
CA VAL B 311 8.27 34.84 -8.66
C VAL B 311 7.25 34.00 -7.93
N ASN B 312 6.68 34.50 -6.84
CA ASN B 312 5.69 33.70 -6.13
C ASN B 312 4.34 33.76 -6.82
N HIS B 313 3.97 34.90 -7.36
CA HIS B 313 2.75 34.94 -8.15
C HIS B 313 2.85 34.02 -9.35
N THR B 314 4.04 33.95 -9.94
CA THR B 314 4.21 33.09 -11.10
C THR B 314 4.26 31.64 -10.71
N SER B 315 4.87 31.31 -9.59
CA SER B 315 4.89 29.94 -9.16
C SER B 315 3.49 29.45 -8.83
N LEU B 316 2.65 30.33 -8.31
CA LEU B 316 1.30 29.95 -7.97
C LEU B 316 0.44 29.79 -9.19
N SER B 317 0.58 30.69 -10.17
CA SER B 317 -0.11 30.55 -11.44
C SER B 317 0.21 29.23 -12.11
N ASN B 318 1.47 28.83 -12.09
CA ASN B 318 1.82 27.60 -12.77
C ASN B 318 1.35 26.40 -11.99
N TYR B 319 1.34 26.50 -10.68
CA TYR B 319 0.77 25.42 -9.90
C TYR B 319 -0.72 25.26 -10.17
N ALA B 320 -1.42 26.35 -10.40
CA ALA B 320 -2.83 26.28 -10.77
C ALA B 320 -3.04 25.62 -12.11
N PHE B 321 -2.25 25.99 -13.12
CA PHE B 321 -2.31 25.28 -14.39
C PHE B 321 -2.14 23.78 -14.19
N LEU B 322 -1.07 23.38 -13.52
CA LEU B 322 -0.83 21.96 -13.40
C LEU B 322 -1.89 21.26 -12.59
N TYR B 323 -2.42 21.87 -11.54
CA TYR B 323 -3.58 21.29 -10.89
C TYR B 323 -4.69 21.00 -11.88
N GLY B 324 -5.06 21.98 -12.70
CA GLY B 324 -6.13 21.77 -13.64
C GLY B 324 -5.89 20.68 -14.66
N VAL B 325 -4.63 20.29 -14.85
CA VAL B 325 -4.29 19.25 -15.88
C VAL B 325 -4.49 17.84 -15.28
N PHE B 326 -4.98 17.76 -14.04
CA PHE B 326 -5.17 16.44 -13.37
C PHE B 326 -6.18 15.60 -14.15
N PRO B 327 -6.01 14.25 -14.19
CA PRO B 327 -6.94 13.38 -14.92
C PRO B 327 -8.29 13.26 -14.20
N VAL B 328 -9.28 12.67 -14.86
CA VAL B 328 -10.65 12.53 -14.25
C VAL B 328 -10.61 11.49 -13.13
N ALA B 329 -11.23 11.79 -11.99
CA ALA B 329 -11.29 10.85 -10.89
C ALA B 329 -12.11 9.62 -11.26
N PRO B 330 -11.66 8.43 -10.88
CA PRO B 330 -12.45 7.21 -11.13
C PRO B 330 -13.73 7.11 -10.32
N GLY B 331 -13.84 7.87 -9.24
CA GLY B 331 -15.07 7.95 -8.51
C GLY B 331 -16.22 8.46 -9.33
N VAL B 332 -15.94 9.18 -10.42
CA VAL B 332 -16.99 9.66 -11.28
C VAL B 332 -17.65 8.52 -12.01
N ALA B 333 -16.86 7.54 -12.44
CA ALA B 333 -17.43 6.36 -13.08
C ALA B 333 -18.16 5.50 -12.07
N ILE B 334 -17.74 5.57 -10.81
CA ILE B 334 -18.52 4.90 -9.78
C ILE B 334 -19.88 5.58 -9.59
N PHE B 335 -19.92 6.92 -9.62
CA PHE B 335 -21.21 7.60 -9.59
C PHE B 335 -22.08 7.15 -10.75
N ALA B 336 -21.52 7.11 -11.95
CA ALA B 336 -22.31 6.72 -13.12
C ALA B 336 -22.83 5.30 -13.01
N THR B 337 -22.03 4.40 -12.44
CA THR B 337 -22.52 3.05 -12.16
C THR B 337 -23.66 3.06 -11.15
N GLN B 338 -23.45 3.72 -10.00
CA GLN B 338 -24.52 3.83 -8.97
C GLN B 338 -25.81 4.30 -9.63
N PHE B 339 -25.76 5.45 -10.32
CA PHE B 339 -26.97 6.02 -10.97
C PHE B 339 -27.32 5.18 -12.21
N ASN B 340 -26.40 4.32 -12.65
CA ASN B 340 -26.63 3.49 -13.87
C ASN B 340 -26.93 4.42 -15.05
N MET B 341 -26.20 5.53 -15.16
CA MET B 341 -26.45 6.51 -16.25
C MET B 341 -25.14 6.81 -16.99
N GLU B 342 -25.17 6.84 -18.32
CA GLU B 342 -23.96 7.19 -19.11
C GLU B 342 -22.75 6.40 -18.61
N VAL B 343 -22.92 5.12 -18.28
CA VAL B 343 -21.82 4.36 -17.72
C VAL B 343 -20.70 4.21 -18.73
N GLU B 344 -21.05 3.83 -19.95
CA GLU B 344 -20.03 3.53 -20.93
C GLU B 344 -19.25 4.76 -21.37
N ILE B 345 -19.93 5.88 -21.57
CA ILE B 345 -19.23 7.09 -21.98
C ILE B 345 -18.40 7.65 -20.83
N ILE B 346 -18.90 7.58 -19.61
CA ILE B 346 -18.15 8.15 -18.49
C ILE B 346 -16.92 7.32 -18.21
N THR B 347 -17.06 5.99 -18.23
CA THR B 347 -15.92 5.12 -17.96
C THR B 347 -14.91 5.17 -19.08
N SER B 348 -15.34 5.09 -20.34
CA SER B 348 -14.43 5.31 -21.44
C SER B 348 -13.70 6.62 -21.30
N GLY B 349 -14.40 7.70 -20.98
CA GLY B 349 -13.77 8.98 -20.89
C GLY B 349 -12.78 9.08 -19.75
N MET B 350 -13.07 8.42 -18.63
CA MET B 350 -12.18 8.48 -17.49
C MET B 350 -10.88 7.73 -17.76
N VAL B 351 -10.98 6.58 -18.42
CA VAL B 351 -9.79 5.84 -18.83
C VAL B 351 -8.97 6.63 -19.86
N ILE B 352 -9.62 7.15 -20.90
CA ILE B 352 -8.93 7.92 -21.92
C ILE B 352 -8.26 9.15 -21.33
N SER B 353 -8.94 9.82 -20.40
CA SER B 353 -8.38 10.98 -19.75
C SER B 353 -7.13 10.63 -18.96
N THR B 354 -7.16 9.50 -18.26
CA THR B 354 -5.98 9.08 -17.54
C THR B 354 -4.80 8.91 -18.47
N PHE B 355 -4.98 8.13 -19.53
CA PHE B 355 -3.90 7.93 -20.49
C PHE B 355 -3.38 9.26 -21.04
N VAL B 356 -4.28 10.14 -21.46
CA VAL B 356 -3.92 11.38 -22.12
C VAL B 356 -3.30 12.42 -21.21
N SER B 357 -3.53 12.37 -19.90
CA SER B 357 -3.04 13.44 -19.05
C SER B 357 -1.53 13.37 -18.87
N ALA B 358 -0.92 12.20 -18.95
CA ALA B 358 0.53 12.12 -18.74
C ALA B 358 1.32 12.95 -19.75
N PRO B 359 1.10 12.86 -21.05
CA PRO B 359 1.81 13.74 -21.96
C PRO B 359 1.53 15.19 -21.72
N ILE B 360 0.28 15.53 -21.42
CA ILE B 360 -0.13 16.92 -21.24
C ILE B 360 0.50 17.51 -19.97
N MET B 361 0.44 16.81 -18.85
CA MET B 361 1.14 17.31 -17.67
C MET B 361 2.62 17.47 -17.91
N TYR B 362 3.26 16.48 -18.53
CA TYR B 362 4.68 16.61 -18.81
C TYR B 362 4.98 17.85 -19.64
N VAL B 363 4.35 17.94 -20.80
CA VAL B 363 4.67 19.01 -21.74
C VAL B 363 4.28 20.37 -21.18
N SER B 364 3.12 20.49 -20.53
CA SER B 364 2.72 21.73 -19.89
C SER B 364 3.71 22.16 -18.84
N ALA B 365 4.17 21.24 -18.00
CA ALA B 365 5.07 21.66 -16.95
C ALA B 365 6.38 22.14 -17.52
N TRP B 366 6.87 21.51 -18.58
CA TRP B 366 8.10 22.00 -19.18
C TRP B 366 7.90 23.36 -19.84
N LEU B 367 6.77 23.58 -20.49
CA LEU B 367 6.50 24.84 -21.17
C LEU B 367 6.34 26.00 -20.21
N LEU B 368 5.80 25.76 -19.02
CA LEU B 368 5.67 26.81 -18.05
C LEU B 368 6.99 27.23 -17.44
N THR B 369 8.05 26.47 -17.65
CA THR B 369 9.37 26.79 -17.12
C THR B 369 10.27 27.50 -18.11
N PHE B 370 9.93 27.52 -19.39
CA PHE B 370 10.81 28.11 -20.39
C PHE B 370 11.03 29.61 -20.23
N PRO B 371 10.04 30.43 -19.87
CA PRO B 371 10.33 31.86 -19.66
C PRO B 371 11.42 32.12 -18.64
N THR B 372 11.72 31.18 -17.77
CA THR B 372 12.60 31.39 -16.64
C THR B 372 14.01 30.89 -16.88
N MET B 373 14.35 30.46 -18.09
CA MET B 373 15.63 29.86 -18.40
C MET B 373 16.37 30.69 -19.43
N ASP B 374 17.70 30.62 -19.36
CA ASP B 374 18.56 31.32 -20.30
C ASP B 374 18.66 30.54 -21.60
N PRO B 375 19.02 31.22 -22.70
CA PRO B 375 18.96 30.55 -24.01
C PRO B 375 19.80 29.30 -24.11
N LYS B 376 20.84 29.15 -23.27
CA LYS B 376 21.63 27.93 -23.31
C LYS B 376 21.01 26.84 -22.44
N PRO B 377 20.77 27.04 -21.14
CA PRO B 377 20.08 26.00 -20.38
C PRO B 377 18.75 25.59 -20.97
N LEU B 378 18.21 26.39 -21.90
CA LEU B 378 16.91 26.09 -22.49
C LEU B 378 17.04 25.15 -23.68
N ALA B 379 18.16 25.20 -24.40
CA ALA B 379 18.40 24.21 -25.43
C ALA B 379 18.84 22.90 -24.82
N TYR B 380 19.52 22.97 -23.69
CA TYR B 380 19.87 21.77 -22.95
C TYR B 380 18.67 21.17 -22.26
N ALA B 381 17.53 21.87 -22.27
CA ALA B 381 16.34 21.31 -21.66
C ALA B 381 15.47 20.63 -22.69
N ILE B 382 15.52 21.11 -23.93
CA ILE B 382 14.76 20.47 -25.00
C ILE B 382 15.38 19.15 -25.37
N GLN B 383 16.68 19.00 -25.15
CA GLN B 383 17.32 17.71 -25.28
C GLN B 383 16.94 16.78 -24.14
N ASN B 384 16.92 17.30 -22.91
CA ASN B 384 16.41 16.56 -21.77
C ASN B 384 15.03 16.01 -22.05
N VAL B 385 14.13 16.85 -22.55
CA VAL B 385 12.79 16.40 -22.85
C VAL B 385 12.77 15.40 -23.99
N SER B 386 13.52 15.68 -25.06
CA SER B 386 13.56 14.76 -26.18
C SER B 386 14.07 13.40 -25.76
N PHE B 387 15.03 13.39 -24.85
CA PHE B 387 15.56 12.15 -24.32
C PHE B 387 14.52 11.38 -23.53
N ASP B 388 13.77 12.04 -22.65
CA ASP B 388 12.74 11.37 -21.87
C ASP B 388 11.64 10.79 -22.74
N ILE B 389 11.18 11.53 -23.75
CA ILE B 389 10.14 11.00 -24.60
C ILE B 389 10.62 9.80 -25.39
N SER B 390 11.87 9.83 -25.85
CA SER B 390 12.46 8.69 -26.53
C SER B 390 12.49 7.44 -25.66
N ILE B 391 12.90 7.56 -24.41
CA ILE B 391 12.83 6.44 -23.47
C ILE B 391 11.48 5.74 -23.54
N VAL B 392 10.40 6.48 -23.31
CA VAL B 392 9.12 5.81 -23.20
C VAL B 392 8.58 5.43 -24.57
N SER B 393 8.94 6.17 -25.60
CA SER B 393 8.45 5.83 -26.93
C SER B 393 9.09 4.58 -27.46
N LEU B 394 10.34 4.31 -27.08
CA LEU B 394 11.00 3.12 -27.55
C LEU B 394 10.38 1.88 -26.96
N ILE B 395 10.16 1.88 -25.66
CA ILE B 395 9.49 0.75 -25.03
C ILE B 395 8.09 0.55 -25.58
N SER B 396 7.33 1.61 -25.75
CA SER B 396 6.02 1.46 -26.37
C SER B 396 6.12 0.83 -27.74
N LEU B 397 7.15 1.15 -28.50
CA LEU B 397 7.26 0.69 -29.88
C LEU B 397 7.72 -0.74 -29.96
N ILE B 398 8.68 -1.11 -29.12
CA ILE B 398 9.09 -2.50 -29.03
C ILE B 398 7.92 -3.38 -28.69
N TRP B 399 7.08 -2.96 -27.76
CA TRP B 399 5.89 -3.73 -27.46
C TRP B 399 4.97 -3.82 -28.68
N SER B 400 4.68 -2.69 -29.31
CA SER B 400 3.74 -2.72 -30.42
C SER B 400 4.31 -3.50 -31.60
N LEU B 401 5.64 -3.53 -31.69
CA LEU B 401 6.30 -4.21 -32.85
C LEU B 401 6.19 -5.73 -32.64
N ALA B 402 6.55 -6.20 -31.44
CA ALA B 402 6.44 -7.65 -31.13
C ALA B 402 4.99 -8.09 -31.33
N ILE B 403 4.04 -7.28 -30.85
CA ILE B 403 2.59 -7.63 -30.94
C ILE B 403 2.25 -7.88 -32.42
N LEU B 404 2.66 -6.97 -33.30
CA LEU B 404 2.33 -7.10 -34.75
C LEU B 404 3.05 -8.32 -35.33
N LEU B 405 4.34 -8.49 -34.99
CA LEU B 405 5.14 -9.62 -35.54
C LEU B 405 4.52 -10.95 -35.09
N LEU B 406 4.49 -11.20 -33.79
CA LEU B 406 3.99 -12.50 -33.27
C LEU B 406 2.54 -12.73 -33.74
N SER B 407 1.72 -11.68 -33.75
CA SER B 407 0.32 -11.80 -34.23
C SER B 407 0.32 -12.06 -35.75
N LYS B 408 1.41 -11.69 -36.43
CA LYS B 408 1.50 -11.88 -37.91
C LYS B 408 0.60 -10.85 -38.60
N LYS B 409 0.03 -9.91 -37.84
CA LYS B 409 -0.84 -8.86 -38.41
C LYS B 409 -0.02 -7.99 -39.36
N TYR B 410 1.29 -7.87 -39.11
CA TYR B 410 2.18 -7.00 -39.92
C TYR B 410 2.16 -7.46 -41.40
N LYS B 411 1.95 -8.74 -41.65
CA LYS B 411 2.01 -9.26 -43.05
C LYS B 411 0.67 -9.00 -43.75
N GLN B 412 -0.28 -8.38 -43.11
CA GLN B 412 -1.48 -7.95 -43.88
C GLN B 412 -1.53 -6.42 -43.87
N LEU B 413 -2.21 -5.80 -44.82
CA LEU B 413 -2.43 -4.34 -44.91
C LEU B 413 -3.69 -3.96 -44.12
N PRO B 414 -3.88 -2.68 -43.73
CA PRO B 414 -2.83 -1.66 -43.85
C PRO B 414 -1.78 -1.83 -42.75
N HIS B 415 -1.89 -2.91 -41.97
CA HIS B 415 -0.94 -3.14 -40.85
C HIS B 415 0.48 -3.31 -41.40
N MET B 416 0.60 -3.76 -42.65
CA MET B 416 1.95 -3.89 -43.28
C MET B 416 2.59 -2.51 -43.41
N LEU B 417 1.84 -1.52 -43.90
CA LEU B 417 2.40 -0.14 -43.98
C LEU B 417 2.61 0.39 -42.56
N THR B 418 1.67 0.11 -41.66
CA THR B 418 1.79 0.58 -40.25
C THR B 418 3.06 0.01 -39.62
N THR B 419 3.28 -1.30 -39.82
CA THR B 419 4.48 -1.96 -39.25
C THR B 419 5.73 -1.32 -39.86
N ASN B 420 5.57 -0.53 -40.93
CA ASN B 420 6.76 0.13 -41.46
C ASN B 420 6.96 1.48 -40.77
N LEU B 421 5.87 2.22 -40.60
CA LEU B 421 5.95 3.54 -39.91
C LEU B 421 6.47 3.32 -38.49
N LEU B 422 6.00 2.26 -37.81
CA LEU B 422 6.42 1.97 -36.42
C LEU B 422 7.94 1.74 -36.39
N ILE B 423 8.46 0.97 -37.36
CA ILE B 423 9.92 0.68 -37.41
C ILE B 423 10.68 2.02 -37.56
N ALA B 424 10.20 2.89 -38.45
CA ALA B 424 10.85 4.19 -38.66
C ALA B 424 10.84 4.99 -37.35
N GLN B 425 9.69 5.01 -36.66
CA GLN B 425 9.58 5.76 -35.38
C GLN B 425 10.58 5.17 -34.37
N SER B 426 10.73 3.84 -34.35
CA SER B 426 11.65 3.17 -33.39
C SER B 426 13.09 3.64 -33.62
N ILE B 427 13.53 3.67 -34.89
CA ILE B 427 14.90 4.12 -35.22
C ILE B 427 15.12 5.49 -34.60
N VAL B 428 14.26 6.46 -34.92
CA VAL B 428 14.37 7.80 -34.36
C VAL B 428 14.69 7.76 -32.88
N CYS B 429 13.92 7.02 -32.08
CA CYS B 429 14.08 7.10 -30.64
C CYS B 429 15.46 6.63 -30.21
N ALA B 430 16.09 5.78 -31.02
CA ALA B 430 17.46 5.33 -30.72
C ALA B 430 18.45 6.45 -31.10
N GLY B 431 18.31 6.99 -32.30
CA GLY B 431 19.22 8.06 -32.76
C GLY B 431 19.18 9.29 -31.85
N MET B 432 17.98 9.67 -31.41
CA MET B 432 17.85 10.85 -30.50
C MET B 432 18.56 10.55 -29.19
N MET B 433 18.32 9.38 -28.60
CA MET B 433 18.91 9.03 -27.28
C MET B 433 20.43 8.91 -27.41
N ILE B 434 20.97 8.94 -28.62
CA ILE B 434 22.43 8.93 -28.76
C ILE B 434 22.87 10.27 -29.35
N TRP B 435 21.98 10.93 -30.07
CA TRP B 435 22.32 12.29 -30.59
C TRP B 435 22.67 13.19 -29.40
N ASN B 436 21.92 13.06 -28.30
CA ASN B 436 22.21 13.85 -27.08
C ASN B 436 23.58 13.42 -26.55
N PHE B 437 24.03 12.22 -26.93
CA PHE B 437 25.35 11.72 -26.46
C PHE B 437 26.40 11.96 -27.55
N VAL B 438 25.99 12.58 -28.66
CA VAL B 438 26.91 12.83 -29.76
C VAL B 438 26.96 14.31 -30.13
N LYS B 439 25.92 15.05 -29.78
CA LYS B 439 25.86 16.49 -30.13
C LYS B 439 27.15 17.16 -29.65
N GLU B 440 27.78 17.97 -30.50
CA GLU B 440 29.06 18.64 -30.13
C GLU B 440 30.09 17.56 -29.76
N LYS B 441 30.16 16.48 -30.53
CA LYS B 441 31.15 15.39 -30.26
C LYS B 441 31.31 14.50 -31.50
N ASN B 442 32.52 14.00 -31.75
CA ASN B 442 32.77 13.09 -32.90
C ASN B 442 32.00 13.59 -34.13
N PHE B 443 32.36 14.78 -34.63
CA PHE B 443 31.66 15.36 -35.81
C PHE B 443 31.43 14.27 -36.86
N VAL B 444 32.44 13.45 -37.12
CA VAL B 444 32.30 12.34 -38.13
C VAL B 444 31.23 11.37 -37.63
N GLY B 445 31.48 10.70 -36.50
CA GLY B 445 30.53 9.74 -35.98
C GLY B 445 29.22 10.37 -35.55
N GLN B 446 29.11 11.67 -35.80
CA GLN B 446 27.85 12.34 -35.51
C GLN B 446 27.17 12.63 -36.85
N ILE B 447 27.84 12.32 -37.96
CA ILE B 447 27.22 12.47 -39.27
C ILE B 447 26.32 11.28 -39.54
N LEU B 448 26.63 10.14 -38.94
CA LEU B 448 25.78 8.97 -39.09
C LEU B 448 24.60 9.03 -38.12
N VAL B 449 24.87 9.27 -36.84
CA VAL B 449 23.76 9.27 -35.85
C VAL B 449 22.69 10.26 -36.31
N PHE B 450 23.13 11.44 -36.76
CA PHE B 450 22.18 12.47 -37.28
C PHE B 450 21.52 11.94 -38.56
N VAL B 451 22.29 11.28 -39.42
CA VAL B 451 21.74 10.75 -40.71
C VAL B 451 20.70 9.66 -40.39
N LEU B 452 21.07 8.67 -39.58
CA LEU B 452 20.11 7.60 -39.20
C LEU B 452 18.99 8.22 -38.39
N LEU B 453 19.14 9.48 -37.98
CA LEU B 453 18.10 10.17 -37.26
C LEU B 453 17.12 10.85 -38.20
N TYR B 454 17.58 11.25 -39.38
CA TYR B 454 16.72 12.04 -40.25
C TYR B 454 16.27 11.32 -41.51
N SER B 455 16.89 10.21 -41.88
CA SER B 455 16.27 9.34 -42.85
C SER B 455 15.04 8.68 -42.27
N SER B 456 15.19 8.06 -41.11
CA SER B 456 14.06 7.52 -40.39
C SER B 456 13.01 8.58 -40.11
N LEU B 457 13.43 9.77 -39.70
CA LEU B 457 12.45 10.78 -39.34
C LEU B 457 11.71 11.31 -40.57
N TYR B 458 12.39 11.40 -41.72
CA TYR B 458 11.65 11.70 -42.93
C TYR B 458 10.81 10.50 -43.36
N SER B 459 11.30 9.30 -43.05
CA SER B 459 10.54 8.09 -43.29
C SER B 459 9.24 8.09 -42.50
N THR B 460 9.29 8.50 -41.23
CA THR B 460 8.04 8.57 -40.49
C THR B 460 7.13 9.66 -41.05
N TYR B 461 7.70 10.75 -41.56
CA TYR B 461 6.87 11.77 -42.18
C TYR B 461 6.26 11.27 -43.47
N LEU B 462 7.01 10.47 -44.23
CA LEU B 462 6.50 10.01 -45.50
C LEU B 462 5.58 8.81 -45.31
N TRP B 463 5.91 7.93 -44.36
CA TRP B 463 5.06 6.79 -44.10
C TRP B 463 3.67 7.20 -43.64
N THR B 464 3.54 8.30 -42.90
CA THR B 464 2.22 8.82 -42.56
C THR B 464 1.39 9.10 -43.80
N GLY B 465 2.00 9.70 -44.82
CA GLY B 465 1.26 9.98 -46.04
C GLY B 465 0.96 8.74 -46.84
N LEU B 466 1.96 7.90 -47.08
CA LEU B 466 1.75 6.61 -47.75
C LEU B 466 0.61 5.82 -47.11
N LEU B 467 0.55 5.80 -45.77
CA LEU B 467 -0.47 5.03 -45.06
C LEU B 467 -1.87 5.51 -45.41
N ALA B 468 -2.09 6.82 -45.44
CA ALA B 468 -3.40 7.35 -45.75
C ALA B 468 -3.81 7.10 -47.19
N ILE B 469 -2.84 6.62 -48.00
CA ILE B 469 -3.13 6.30 -49.42
C ILE B 469 -3.79 4.91 -49.46
N SER B 470 -3.14 3.91 -48.84
CA SER B 470 -3.70 2.54 -48.80
C SER B 470 -5.09 2.58 -48.16
N LEU B 471 -5.25 3.37 -47.09
CA LEU B 471 -6.60 3.52 -46.48
C LEU B 471 -7.55 4.01 -47.57
N PHE B 472 -7.09 4.95 -48.40
CA PHE B 472 -7.92 5.43 -49.53
C PHE B 472 -8.05 4.32 -50.58
N LEU B 473 -6.95 3.59 -50.83
CA LEU B 473 -6.96 2.49 -51.83
C LEU B 473 -7.93 1.39 -51.36
N LEU B 474 -8.13 1.28 -50.04
CA LEU B 474 -9.04 0.25 -49.48
C LEU B 474 -10.43 0.45 -50.11
N LYS B 475 -10.85 1.70 -50.29
CA LYS B 475 -12.15 1.96 -50.96
C LYS B 475 -12.13 1.28 -52.33
N LYS B 476 -11.02 1.43 -53.07
CA LYS B 476 -10.88 0.73 -54.37
C LYS B 476 -10.33 -0.67 -54.12
N ARG B 477 -11.11 -1.53 -53.46
CA ARG B 477 -10.63 -2.90 -53.11
C ARG B 477 -10.21 -3.63 -54.40
N GLU B 478 -11.06 -3.61 -55.42
CA GLU B 478 -10.74 -4.26 -56.72
C GLU B 478 -9.33 -3.86 -57.13
N ARG B 479 -8.94 -2.60 -56.87
CA ARG B 479 -7.59 -2.11 -57.22
C ARG B 479 -6.57 -2.65 -56.22
N VAL B 480 -5.82 -3.69 -56.59
CA VAL B 480 -4.79 -4.26 -55.68
C VAL B 480 -3.75 -3.17 -55.37
N GLN B 481 -3.41 -2.99 -54.08
CA GLN B 481 -2.43 -1.96 -53.67
C GLN B 481 -1.04 -2.35 -54.19
N ILE B 482 -0.06 -1.44 -54.08
CA ILE B 482 1.32 -1.72 -54.57
C ILE B 482 2.31 -1.44 -53.43
N PRO B 483 2.39 -2.30 -52.38
CA PRO B 483 3.37 -2.11 -51.31
C PRO B 483 4.77 -2.05 -51.92
N VAL B 484 5.04 -2.91 -52.91
CA VAL B 484 6.36 -2.87 -53.61
C VAL B 484 6.51 -1.50 -54.27
N GLY B 485 7.69 -0.87 -54.13
CA GLY B 485 7.91 0.47 -54.69
C GLY B 485 7.51 1.56 -53.71
N ILE B 486 6.77 1.19 -52.67
CA ILE B 486 6.41 2.14 -51.66
C ILE B 486 6.85 1.66 -50.29
N ILE B 487 7.02 0.34 -50.13
CA ILE B 487 7.44 -0.27 -48.83
C ILE B 487 8.86 0.20 -48.49
N ILE B 488 9.72 0.32 -49.49
CA ILE B 488 11.14 0.75 -49.25
C ILE B 488 11.54 1.80 -50.28
N ILE B 489 11.20 1.56 -51.55
CA ILE B 489 11.62 2.50 -52.64
C ILE B 489 11.18 3.92 -52.25
N SER B 490 9.95 4.07 -51.78
CA SER B 490 9.47 5.40 -51.33
C SER B 490 9.45 5.45 -49.80
N GLY B 491 9.08 4.33 -49.16
CA GLY B 491 8.95 4.32 -47.69
C GLY B 491 10.19 4.86 -46.99
N TRP B 492 11.37 4.41 -47.42
CA TRP B 492 12.64 4.88 -46.79
C TRP B 492 13.59 5.41 -47.87
N GLY B 493 13.44 4.94 -49.12
CA GLY B 493 14.33 5.37 -50.21
C GLY B 493 14.26 6.87 -50.43
N ILE B 494 13.04 7.42 -50.52
CA ILE B 494 12.86 8.90 -50.69
C ILE B 494 13.43 9.60 -49.45
N PRO B 495 13.02 9.24 -48.22
CA PRO B 495 13.56 9.86 -47.01
C PRO B 495 15.09 9.78 -46.97
N ALA B 496 15.65 8.59 -47.26
CA ALA B 496 17.11 8.41 -47.23
C ALA B 496 17.77 9.35 -48.25
N LEU B 497 17.18 9.47 -49.45
CA LEU B 497 17.75 10.35 -50.51
C LEU B 497 17.69 11.80 -50.02
N LEU B 498 16.61 12.18 -49.31
CA LEU B 498 16.44 13.57 -48.83
C LEU B 498 17.59 13.93 -47.89
N VAL B 499 17.96 13.01 -47.00
CA VAL B 499 19.08 13.25 -46.05
C VAL B 499 20.36 13.51 -46.85
N GLY B 500 20.62 12.67 -47.86
CA GLY B 500 21.80 12.88 -48.72
C GLY B 500 21.76 14.25 -49.35
N VAL B 501 20.56 14.73 -49.71
CA VAL B 501 20.41 16.10 -50.30
C VAL B 501 20.95 17.11 -49.29
N LEU B 502 20.63 16.94 -48.01
CA LEU B 502 21.09 17.90 -46.96
C LEU B 502 22.39 17.38 -46.34
N LEU B 503 23.02 16.39 -46.98
CA LEU B 503 24.30 15.83 -46.46
C LEU B 503 25.41 16.07 -47.49
N ILE B 504 25.04 16.38 -48.74
CA ILE B 504 26.05 16.62 -49.81
C ILE B 504 27.13 17.56 -49.27
N THR B 505 26.74 18.53 -48.44
CA THR B 505 27.71 19.48 -47.84
C THR B 505 28.79 18.67 -47.10
N GLY B 506 30.06 18.93 -47.42
CA GLY B 506 31.17 18.20 -46.78
C GLY B 506 31.63 18.88 -45.51
N LYS B 507 31.97 18.09 -44.48
CA LYS B 507 32.45 18.66 -43.19
C LYS B 507 31.45 19.71 -42.70
N HIS B 508 30.15 19.44 -42.85
CA HIS B 508 29.10 20.40 -42.42
C HIS B 508 28.56 19.98 -41.05
N ASN B 509 29.30 19.12 -40.34
CA ASN B 509 28.88 18.66 -38.98
C ASN B 509 28.37 19.87 -38.19
N GLY B 510 27.15 19.79 -37.65
CA GLY B 510 26.56 20.90 -36.89
C GLY B 510 26.67 20.68 -35.39
N ASP B 511 27.43 21.54 -34.70
CA ASP B 511 27.53 21.43 -33.22
C ASP B 511 26.18 21.84 -32.61
N SER B 512 25.26 22.33 -33.46
CA SER B 512 23.92 22.75 -32.98
C SER B 512 23.36 21.69 -32.03
N ILE B 513 22.89 22.10 -30.85
CA ILE B 513 22.36 21.14 -29.85
C ILE B 513 21.17 20.40 -30.44
N ASP B 514 20.58 20.91 -31.52
CA ASP B 514 19.35 20.28 -32.06
C ASP B 514 19.67 19.74 -33.46
N SER B 515 19.46 18.45 -33.69
CA SER B 515 19.74 17.84 -35.02
C SER B 515 18.96 18.60 -36.10
N ALA B 516 17.85 19.25 -35.70
CA ALA B 516 17.04 20.04 -36.64
C ALA B 516 17.89 21.15 -37.25
N PHE B 517 18.87 21.64 -36.50
CA PHE B 517 19.73 22.75 -36.98
C PHE B 517 21.15 22.23 -37.23
N PHE B 518 21.32 20.90 -37.26
CA PHE B 518 22.65 20.28 -37.53
C PHE B 518 23.16 20.79 -38.88
N TYR B 519 22.23 21.26 -39.73
CA TYR B 519 22.61 21.82 -41.05
C TYR B 519 22.00 23.22 -41.18
N GLY B 520 22.26 23.91 -42.28
CA GLY B 520 21.76 25.29 -42.45
C GLY B 520 20.28 25.31 -42.84
N LYS B 521 19.83 26.40 -43.46
CA LYS B 521 18.42 26.50 -43.91
C LYS B 521 18.09 25.31 -44.81
N GLU B 522 19.11 24.74 -45.48
CA GLU B 522 18.89 23.59 -46.38
C GLU B 522 18.16 22.48 -45.61
N GLN B 523 18.66 22.14 -44.41
CA GLN B 523 17.99 21.10 -43.58
C GLN B 523 16.54 21.54 -43.32
N MET B 524 16.34 22.82 -42.96
CA MET B 524 14.98 23.34 -42.72
C MET B 524 14.18 23.25 -44.03
N ILE B 525 14.81 23.53 -45.16
CA ILE B 525 14.14 23.47 -46.49
C ILE B 525 13.71 22.03 -46.76
N THR B 526 14.68 21.11 -46.90
CA THR B 526 14.35 19.73 -47.23
C THR B 526 13.35 19.17 -46.24
N THR B 527 13.42 19.61 -44.98
CA THR B 527 12.43 19.16 -44.01
C THR B 527 11.09 19.83 -44.22
N ALA B 528 11.08 21.04 -44.74
CA ALA B 528 9.81 21.71 -44.97
C ALA B 528 9.09 21.17 -46.20
N VAL B 529 9.84 20.60 -47.15
CA VAL B 529 9.20 20.06 -48.35
C VAL B 529 8.90 18.58 -48.18
N THR B 530 9.76 17.83 -47.47
CA THR B 530 9.36 16.48 -47.07
C THR B 530 8.01 16.50 -46.38
N LEU B 531 7.72 17.55 -45.63
CA LEU B 531 6.50 17.64 -44.87
C LEU B 531 5.33 18.02 -45.75
N PHE B 532 5.61 18.64 -46.89
CA PHE B 532 4.56 19.23 -47.72
C PHE B 532 3.90 18.16 -48.58
N CYS B 533 4.70 17.28 -49.17
CA CYS B 533 4.14 16.12 -49.84
C CYS B 533 3.26 15.34 -48.89
N SER B 534 3.79 14.94 -47.74
CA SER B 534 3.05 14.10 -46.82
C SER B 534 1.85 14.80 -46.23
N ILE B 535 1.91 16.12 -46.04
CA ILE B 535 0.74 16.84 -45.52
C ILE B 535 -0.38 16.82 -46.55
N LEU B 536 -0.05 16.97 -47.82
CA LEU B 536 -1.10 16.94 -48.83
C LEU B 536 -1.44 15.52 -49.27
N ILE B 537 -0.44 14.65 -49.41
CA ILE B 537 -0.72 13.23 -49.66
C ILE B 537 -1.77 12.73 -48.69
N ALA B 538 -1.51 12.85 -47.39
CA ALA B 538 -2.42 12.32 -46.39
C ALA B 538 -3.77 13.02 -46.42
N GLY B 539 -3.75 14.34 -46.53
CA GLY B 539 -4.99 15.13 -46.57
C GLY B 539 -5.87 14.71 -47.74
N ILE B 540 -5.36 14.85 -48.96
CA ILE B 540 -6.16 14.51 -50.18
C ILE B 540 -6.61 13.05 -50.09
N SER B 541 -5.70 12.13 -49.76
CA SER B 541 -6.05 10.69 -49.72
C SER B 541 -7.15 10.44 -48.69
N LEU B 542 -7.03 11.01 -47.50
CA LEU B 542 -8.03 10.79 -46.48
C LEU B 542 -9.38 11.28 -46.97
N MET B 543 -9.43 12.51 -47.45
CA MET B 543 -10.71 13.08 -47.95
C MET B 543 -11.20 12.24 -49.13
N CYS B 544 -10.30 11.89 -50.05
CA CYS B 544 -10.67 11.05 -51.23
C CYS B 544 -11.12 9.68 -50.75
N MET B 545 -10.52 9.17 -49.68
CA MET B 545 -10.91 7.85 -49.11
C MET B 545 -12.40 7.91 -48.72
N ASN B 546 -12.83 9.04 -48.15
CA ASN B 546 -14.27 9.19 -47.76
C ASN B 546 -15.15 9.02 -49.00
N ASP B 655 -9.63 -8.21 -39.89
CA ASP B 655 -9.99 -6.88 -39.40
C ASP B 655 -9.03 -5.86 -39.97
N GLN B 656 -9.48 -5.17 -41.02
CA GLN B 656 -8.67 -4.13 -41.64
C GLN B 656 -8.41 -2.99 -40.66
N GLN B 657 -9.30 -2.78 -39.71
CA GLN B 657 -9.11 -1.82 -38.64
C GLN B 657 -8.96 -0.41 -39.20
N LEU B 658 -9.61 -0.18 -40.34
CA LEU B 658 -9.54 1.07 -41.06
C LEU B 658 -10.05 2.24 -40.25
N THR B 659 -10.74 2.00 -39.14
CA THR B 659 -11.22 3.11 -38.33
C THR B 659 -10.09 3.66 -37.46
N ARG B 660 -9.34 2.74 -36.86
CA ARG B 660 -8.20 3.10 -35.97
C ARG B 660 -7.09 3.71 -36.78
N HIS B 661 -6.93 3.26 -38.02
CA HIS B 661 -5.82 3.69 -38.86
C HIS B 661 -6.01 5.13 -39.33
N VAL B 662 -7.24 5.49 -39.68
CA VAL B 662 -7.53 6.89 -39.97
C VAL B 662 -7.37 7.71 -38.70
N LEU B 663 -7.68 7.13 -37.55
CA LEU B 663 -7.41 7.78 -36.28
C LEU B 663 -5.91 7.97 -36.07
N LEU B 664 -5.10 7.06 -36.59
CA LEU B 664 -3.65 7.26 -36.52
C LEU B 664 -3.21 8.43 -37.40
N CYS B 665 -3.46 8.32 -38.70
CA CYS B 665 -3.03 9.33 -39.66
C CYS B 665 -3.55 10.70 -39.28
N LEU B 666 -4.80 10.76 -38.82
CA LEU B 666 -5.39 12.02 -38.38
C LEU B 666 -4.62 12.63 -37.22
N LEU B 667 -4.06 11.79 -36.34
CA LEU B 667 -3.24 12.32 -35.26
C LEU B 667 -1.83 12.61 -35.74
N LEU B 668 -1.32 11.78 -36.65
CA LEU B 668 0.03 12.01 -37.16
C LEU B 668 0.09 13.24 -38.05
N ILE B 669 -1.04 13.63 -38.66
CA ILE B 669 -1.03 14.84 -39.47
C ILE B 669 -1.04 16.09 -38.61
N ILE B 670 -1.67 16.04 -37.44
CA ILE B 670 -1.63 17.18 -36.53
C ILE B 670 -0.20 17.46 -36.11
N GLY B 671 0.63 16.42 -36.03
CA GLY B 671 2.06 16.63 -35.85
C GLY B 671 2.73 17.22 -37.06
N LEU B 672 2.51 16.65 -38.24
CA LEU B 672 3.10 17.18 -39.46
C LEU B 672 2.77 18.64 -39.69
N PHE B 673 1.70 19.12 -39.05
CA PHE B 673 1.32 20.54 -39.18
C PHE B 673 2.30 21.40 -38.36
N ALA B 674 2.60 20.98 -37.13
CA ALA B 674 3.50 21.77 -36.25
C ALA B 674 4.89 21.86 -36.86
N ASN B 675 5.47 20.73 -37.27
CA ASN B 675 6.86 20.73 -37.80
C ASN B 675 6.92 21.57 -39.08
N LEU B 676 5.93 21.39 -39.97
CA LEU B 676 5.91 22.16 -41.24
C LEU B 676 5.88 23.65 -40.92
N SER B 677 5.03 24.04 -39.97
CA SER B 677 4.95 25.47 -39.57
C SER B 677 6.31 25.95 -39.04
N SER B 678 6.94 25.15 -38.16
CA SER B 678 8.23 25.56 -37.56
C SER B 678 9.29 25.78 -38.66
N CYS B 679 9.37 24.85 -39.61
CA CYS B 679 10.41 24.95 -40.68
C CYS B 679 10.18 26.22 -41.50
N LEU B 680 8.95 26.41 -42.01
CA LEU B 680 8.65 27.61 -42.84
C LEU B 680 8.78 28.87 -41.98
N TRP B 681 8.23 28.84 -40.77
CA TRP B 681 8.30 30.03 -39.86
C TRP B 681 9.76 30.45 -39.71
N TRP B 682 10.66 29.49 -39.49
CA TRP B 682 12.10 29.80 -39.38
C TRP B 682 12.64 30.28 -40.73
N LEU B 683 12.28 29.58 -41.81
CA LEU B 683 12.77 29.94 -43.18
C LEU B 683 12.29 31.34 -43.53
N PHE B 684 11.30 31.86 -42.79
CA PHE B 684 10.83 33.26 -43.02
C PHE B 684 11.65 34.17 -42.11
N ASN B 685 11.45 34.09 -40.80
CA ASN B 685 12.27 34.89 -39.86
C ASN B 685 13.31 33.96 -39.23
N GLN B 686 14.55 33.97 -39.74
CA GLN B 686 15.59 33.03 -39.25
C GLN B 686 15.75 33.19 -37.73
N GLU B 687 15.88 32.08 -37.00
CA GLU B 687 15.95 32.15 -35.54
C GLU B 687 14.82 33.02 -35.00
N PRO B 688 13.57 32.63 -35.28
CA PRO B 688 12.44 33.47 -34.84
C PRO B 688 12.22 33.33 -33.32
N GLY B 689 11.74 34.40 -32.67
CA GLY B 689 11.54 34.38 -31.22
C GLY B 689 10.06 34.44 -30.85
N ARG B 690 9.18 34.45 -31.85
CA ARG B 690 7.72 34.56 -31.59
C ARG B 690 7.17 33.18 -31.24
N LEU B 691 7.43 32.70 -30.01
CA LEU B 691 6.90 31.38 -29.56
C LEU B 691 7.45 30.28 -30.47
N TYR B 692 8.60 30.53 -31.11
CA TYR B 692 9.19 29.54 -32.05
C TYR B 692 9.82 28.40 -31.25
N VAL B 693 10.80 28.73 -30.40
CA VAL B 693 11.44 27.70 -29.52
C VAL B 693 10.34 26.84 -28.90
N GLU B 694 9.25 27.48 -28.44
CA GLU B 694 8.10 26.72 -27.90
C GLU B 694 7.62 25.77 -28.98
N LEU B 695 7.51 26.26 -30.23
CA LEU B 695 7.13 25.36 -31.33
C LEU B 695 8.25 24.37 -31.63
N GLN B 696 9.49 24.81 -31.52
CA GLN B 696 10.61 23.89 -31.66
C GLN B 696 10.54 22.79 -30.61
N PHE B 697 9.85 23.03 -29.51
CA PHE B 697 9.73 22.04 -28.45
C PHE B 697 8.67 21.03 -28.79
N PHE B 698 7.54 21.49 -29.34
CA PHE B 698 6.46 20.60 -29.73
C PHE B 698 6.83 19.72 -30.91
N CYS B 699 7.74 20.17 -31.75
CA CYS B 699 8.21 19.35 -32.84
C CYS B 699 9.12 18.25 -32.34
N ALA B 700 9.81 18.50 -31.21
CA ALA B 700 10.67 17.45 -30.61
C ALA B 700 9.76 16.39 -29.97
N VAL B 701 8.75 16.81 -29.23
CA VAL B 701 7.85 15.85 -28.51
C VAL B 701 7.14 14.98 -29.55
N PHE B 702 6.71 15.56 -30.66
CA PHE B 702 5.99 14.80 -31.72
C PHE B 702 6.96 13.86 -32.44
N ASN B 703 8.15 14.36 -32.79
CA ASN B 703 9.13 13.53 -33.56
C ASN B 703 9.51 12.28 -32.77
N PHE B 704 9.74 12.42 -31.46
CA PHE B 704 10.19 11.27 -30.64
C PHE B 704 9.01 10.72 -29.84
N GLY B 705 7.81 11.27 -30.05
CA GLY B 705 6.60 10.78 -29.35
C GLY B 705 5.65 10.10 -30.33
N GLN B 706 6.06 10.00 -31.59
CA GLN B 706 5.20 9.37 -32.63
C GLN B 706 4.88 7.93 -32.22
N GLY B 707 5.88 7.20 -31.72
CA GLY B 707 5.68 5.79 -31.33
C GLY B 707 4.63 5.64 -30.24
N PHE B 708 4.68 6.50 -29.22
CA PHE B 708 3.72 6.39 -28.08
C PHE B 708 2.30 6.55 -28.63
N ILE B 709 2.12 7.43 -29.62
CA ILE B 709 0.77 7.60 -30.25
C ILE B 709 0.35 6.26 -30.85
N SER B 710 1.20 5.68 -31.71
CA SER B 710 0.87 4.39 -32.32
C SER B 710 0.61 3.33 -31.28
N PHE B 711 1.24 3.45 -30.12
CA PHE B 711 1.06 2.48 -29.06
C PHE B 711 -0.35 2.50 -28.50
N GLY B 712 -0.82 3.67 -28.07
CA GLY B 712 -2.19 3.83 -27.61
C GLY B 712 -3.24 3.38 -28.61
N ILE B 713 -2.93 3.37 -29.89
CA ILE B 713 -3.83 2.94 -30.94
C ILE B 713 -3.67 1.44 -31.23
N PHE B 714 -2.45 0.95 -31.31
CA PHE B 714 -2.21 -0.39 -31.82
C PHE B 714 -1.43 -1.29 -30.87
N GLY B 715 -1.04 -0.81 -29.70
CA GLY B 715 -0.26 -1.65 -28.82
C GLY B 715 -1.09 -2.36 -27.78
N LEU B 716 -2.28 -1.79 -27.49
CA LEU B 716 -3.17 -2.37 -26.47
C LEU B 716 -4.17 -3.31 -27.15
N ASP B 717 -4.23 -3.27 -28.48
CA ASP B 717 -5.17 -4.14 -29.23
C ASP B 717 -4.83 -5.60 -28.95
N LYS B 718 -5.85 -6.44 -28.72
CA LYS B 718 -5.62 -7.89 -28.46
C LYS B 718 -5.13 -8.56 -29.74
N HIS B 719 -4.11 -9.42 -29.64
CA HIS B 719 -3.54 -10.10 -30.83
C HIS B 719 -3.21 -11.56 -30.48
N LEU B 720 -3.40 -12.47 -31.45
CA LEU B 720 -3.10 -13.91 -31.21
C LEU B 720 -1.62 -14.18 -31.47
N ILE B 721 -0.77 -13.89 -30.48
CA ILE B 721 0.70 -14.10 -30.63
C ILE B 721 1.04 -15.54 -30.18
N ILE B 722 1.29 -16.44 -31.13
CA ILE B 722 1.62 -17.85 -30.79
C ILE B 722 3.14 -18.02 -30.79
N LEU B 723 3.74 -18.07 -29.60
CA LEU B 723 5.22 -18.24 -29.49
C LEU B 723 5.65 -19.53 -30.18
N PRO B 724 4.98 -20.69 -29.95
CA PRO B 724 5.30 -21.93 -30.67
C PRO B 724 4.85 -21.86 -32.13
#